data_2KGG
#
_entry.id   2KGG
#
loop_
_entity.id
_entity.type
_entity.pdbx_description
1 polymer 'Histone demethylase JARID1A'
2 non-polymer 'ZINC ION'
#
_entity_poly.entity_id   1
_entity_poly.type   'polypeptide(L)'
_entity_poly.pdbx_seq_one_letter_code
;SVCAAQNCQRPCKDKVDWVQCDGGCDEWFHQVCVGVSPEMAENEDYICINCA
;
_entity_poly.pdbx_strand_id   A
#
# COMPACT_ATOMS: atom_id res chain seq x y z
N SER A 1 -13.76 -3.35 6.54
CA SER A 1 -12.32 -3.67 6.36
C SER A 1 -11.48 -2.41 6.03
N VAL A 2 -10.60 -2.07 6.94
CA VAL A 2 -9.73 -0.92 6.79
C VAL A 2 -8.32 -1.45 6.53
N CYS A 3 -7.61 -0.88 5.57
CA CYS A 3 -6.26 -1.33 5.27
C CYS A 3 -5.25 -0.59 6.17
N ALA A 4 -3.97 -0.83 5.96
CA ALA A 4 -2.95 -0.16 6.72
C ALA A 4 -2.53 1.12 6.00
N ALA A 5 -2.71 2.25 6.67
CA ALA A 5 -2.23 3.57 6.25
C ALA A 5 -2.67 4.58 7.28
N GLN A 6 -1.76 5.49 7.71
CA GLN A 6 -2.11 6.58 8.66
C GLN A 6 -3.36 7.33 8.22
N ASN A 7 -3.54 7.45 6.93
CA ASN A 7 -4.73 8.04 6.39
C ASN A 7 -5.25 7.18 5.27
N CYS A 8 -6.14 6.26 5.58
CA CYS A 8 -6.69 5.46 4.56
C CYS A 8 -8.01 6.02 4.07
N GLN A 9 -8.02 6.35 2.79
CA GLN A 9 -9.19 6.88 2.11
C GLN A 9 -10.27 5.79 1.97
N ARG A 10 -9.87 4.55 2.28
CA ARG A 10 -10.71 3.35 2.17
C ARG A 10 -11.44 3.19 0.81
N PRO A 11 -10.73 3.38 -0.35
CA PRO A 11 -11.36 3.24 -1.65
C PRO A 11 -11.50 1.77 -2.03
N CYS A 12 -12.67 1.40 -2.47
CA CYS A 12 -12.92 0.04 -2.87
C CYS A 12 -13.25 0.02 -4.35
N LYS A 13 -12.35 -0.53 -5.13
CA LYS A 13 -12.51 -0.64 -6.57
C LYS A 13 -12.03 -2.01 -6.96
N ASP A 14 -12.50 -2.50 -8.07
CA ASP A 14 -12.13 -3.85 -8.54
C ASP A 14 -10.92 -3.76 -9.46
N LYS A 15 -10.50 -2.55 -9.77
CA LYS A 15 -9.38 -2.34 -10.65
C LYS A 15 -8.23 -1.68 -9.88
N VAL A 16 -8.29 -1.73 -8.56
CA VAL A 16 -7.23 -1.16 -7.77
C VAL A 16 -6.40 -2.27 -7.10
N ASP A 17 -5.23 -2.46 -7.63
CA ASP A 17 -4.24 -3.36 -7.03
C ASP A 17 -3.65 -2.77 -5.73
N TRP A 18 -3.35 -3.65 -4.80
CA TRP A 18 -2.91 -3.29 -3.44
C TRP A 18 -1.43 -3.63 -3.27
N VAL A 19 -0.77 -3.03 -2.28
CA VAL A 19 0.64 -3.27 -2.03
C VAL A 19 0.86 -3.74 -0.59
N GLN A 20 1.74 -4.71 -0.42
CA GLN A 20 2.12 -5.23 0.88
C GLN A 20 3.52 -4.76 1.21
N CYS A 21 3.75 -4.38 2.44
CA CYS A 21 5.10 -4.00 2.82
C CYS A 21 5.84 -5.24 3.35
N ASP A 22 6.68 -5.79 2.51
CA ASP A 22 7.42 -7.03 2.80
C ASP A 22 8.69 -6.74 3.61
N GLY A 23 8.66 -5.62 4.32
CA GLY A 23 9.77 -5.22 5.13
C GLY A 23 9.62 -5.66 6.60
N GLY A 24 8.47 -6.26 6.94
CA GLY A 24 8.29 -6.72 8.31
C GLY A 24 6.88 -6.62 8.89
N CYS A 25 6.00 -5.77 8.31
CA CYS A 25 4.64 -5.65 8.87
C CYS A 25 3.70 -6.65 8.20
N ASP A 26 3.97 -6.88 6.89
CA ASP A 26 3.16 -7.76 6.01
C ASP A 26 1.74 -7.24 5.86
N GLU A 27 1.55 -5.95 6.12
CA GLU A 27 0.27 -5.32 6.04
C GLU A 27 0.02 -4.82 4.62
N TRP A 28 -1.23 -4.61 4.29
CA TRP A 28 -1.63 -4.21 2.94
C TRP A 28 -2.10 -2.76 2.89
N PHE A 29 -1.56 -2.03 1.97
CA PHE A 29 -1.82 -0.62 1.79
C PHE A 29 -2.46 -0.37 0.41
N HIS A 30 -3.16 0.74 0.28
CA HIS A 30 -3.69 1.17 -1.03
C HIS A 30 -2.68 2.07 -1.65
N GLN A 31 -2.51 1.94 -2.94
CA GLN A 31 -1.56 2.77 -3.64
C GLN A 31 -1.92 4.27 -3.58
N VAL A 32 -3.19 4.61 -3.63
CA VAL A 32 -3.58 6.01 -3.49
C VAL A 32 -3.48 6.50 -2.00
N CYS A 33 -3.91 5.64 -1.07
CA CYS A 33 -4.01 6.03 0.34
C CYS A 33 -2.61 6.17 0.98
N VAL A 34 -1.66 5.35 0.54
CA VAL A 34 -0.35 5.42 1.11
C VAL A 34 0.64 6.11 0.13
N GLY A 35 0.11 6.58 -0.99
CA GLY A 35 0.96 7.20 -2.03
C GLY A 35 2.01 6.27 -2.70
N VAL A 36 1.54 5.38 -3.55
CA VAL A 36 2.35 4.49 -4.36
C VAL A 36 1.82 4.60 -5.78
N SER A 37 2.68 4.51 -6.77
CA SER A 37 2.24 4.54 -8.12
C SER A 37 2.15 3.09 -8.62
N PRO A 38 1.25 2.79 -9.59
CA PRO A 38 1.07 1.41 -10.12
C PRO A 38 2.38 0.85 -10.71
N GLU A 39 3.26 1.77 -11.06
CA GLU A 39 4.54 1.45 -11.64
C GLU A 39 5.48 0.89 -10.56
N MET A 40 5.35 1.42 -9.31
CA MET A 40 6.22 1.01 -8.23
C MET A 40 5.86 -0.38 -7.77
N ALA A 41 4.57 -0.62 -7.75
CA ALA A 41 4.01 -1.90 -7.29
C ALA A 41 4.57 -3.09 -8.09
N GLU A 42 4.60 -2.97 -9.41
CA GLU A 42 5.10 -4.07 -10.26
C GLU A 42 6.65 -4.10 -10.39
N ASN A 43 7.33 -3.01 -10.08
CA ASN A 43 8.76 -2.98 -10.34
C ASN A 43 9.64 -2.94 -9.08
N GLU A 44 9.16 -2.36 -8.00
CA GLU A 44 9.98 -2.22 -6.80
C GLU A 44 9.36 -2.86 -5.57
N ASP A 45 10.16 -2.96 -4.53
CA ASP A 45 9.77 -3.54 -3.25
C ASP A 45 9.21 -2.43 -2.35
N TYR A 46 7.93 -2.51 -2.01
CA TYR A 46 7.31 -1.49 -1.19
C TYR A 46 7.61 -1.60 0.34
N ILE A 47 8.40 -0.67 0.80
CA ILE A 47 8.70 -0.50 2.19
C ILE A 47 7.74 0.57 2.73
N CYS A 48 7.23 0.42 3.96
CA CYS A 48 6.26 1.40 4.45
C CYS A 48 6.95 2.33 5.43
N ILE A 49 6.20 3.31 5.92
CA ILE A 49 6.67 4.26 6.90
C ILE A 49 7.20 3.57 8.19
N ASN A 50 6.55 2.49 8.61
CA ASN A 50 6.93 1.75 9.82
C ASN A 50 8.15 0.84 9.56
N CYS A 51 8.22 0.31 8.35
CA CYS A 51 9.37 -0.52 7.95
C CYS A 51 10.61 0.37 7.75
N ALA A 52 10.38 1.60 7.35
CA ALA A 52 11.48 2.52 7.05
C ALA A 52 12.06 3.16 8.30
N SER A 1 -13.66 -2.51 6.42
CA SER A 1 -12.29 -2.94 6.08
C SER A 1 -11.35 -1.72 5.86
N VAL A 2 -10.57 -1.41 6.88
CA VAL A 2 -9.63 -0.32 6.81
C VAL A 2 -8.25 -0.93 6.65
N CYS A 3 -7.45 -0.40 5.75
CA CYS A 3 -6.14 -0.96 5.52
C CYS A 3 -5.11 -0.22 6.40
N ALA A 4 -3.84 -0.53 6.20
CA ALA A 4 -2.80 0.13 6.93
C ALA A 4 -2.30 1.31 6.10
N ALA A 5 -2.41 2.52 6.67
CA ALA A 5 -1.86 3.74 6.08
C ALA A 5 -2.13 4.89 7.02
N GLN A 6 -1.19 5.83 7.12
CA GLN A 6 -1.32 7.04 7.96
C GLN A 6 -2.68 7.69 7.73
N ASN A 7 -3.04 7.80 6.49
CA ASN A 7 -4.36 8.27 6.12
C ASN A 7 -4.92 7.38 5.05
N CYS A 8 -5.81 6.51 5.43
CA CYS A 8 -6.40 5.67 4.47
C CYS A 8 -7.70 6.23 3.99
N GLN A 9 -7.76 6.50 2.70
CA GLN A 9 -8.95 7.02 2.03
C GLN A 9 -10.06 5.95 1.97
N ARG A 10 -9.70 4.71 2.34
CA ARG A 10 -10.55 3.52 2.26
C ARG A 10 -11.30 3.38 0.89
N PRO A 11 -10.56 3.47 -0.27
CA PRO A 11 -11.18 3.32 -1.57
C PRO A 11 -11.34 1.84 -1.91
N CYS A 12 -12.49 1.47 -2.40
CA CYS A 12 -12.76 0.10 -2.75
C CYS A 12 -13.33 0.05 -4.15
N LYS A 13 -12.57 -0.55 -5.05
CA LYS A 13 -12.97 -0.68 -6.43
C LYS A 13 -12.58 -2.05 -6.89
N ASP A 14 -13.03 -2.45 -8.07
CA ASP A 14 -12.56 -3.69 -8.67
C ASP A 14 -11.14 -3.48 -9.11
N LYS A 15 -10.96 -2.53 -9.98
CA LYS A 15 -9.66 -2.15 -10.49
C LYS A 15 -8.85 -1.36 -9.45
N VAL A 16 -8.11 -2.06 -8.60
CA VAL A 16 -7.19 -1.42 -7.67
C VAL A 16 -6.33 -2.42 -6.93
N ASP A 17 -5.13 -2.55 -7.40
CA ASP A 17 -4.13 -3.39 -6.77
C ASP A 17 -3.65 -2.80 -5.45
N TRP A 18 -3.47 -3.68 -4.48
CA TRP A 18 -3.05 -3.33 -3.13
C TRP A 18 -1.59 -3.71 -2.96
N VAL A 19 -0.90 -3.14 -1.99
CA VAL A 19 0.51 -3.44 -1.78
C VAL A 19 0.75 -3.89 -0.35
N GLN A 20 1.59 -4.87 -0.19
CA GLN A 20 1.97 -5.37 1.13
C GLN A 20 3.41 -4.97 1.41
N CYS A 21 3.70 -4.54 2.62
CA CYS A 21 5.06 -4.20 2.95
C CYS A 21 5.80 -5.42 3.46
N ASP A 22 6.67 -5.97 2.63
CA ASP A 22 7.42 -7.20 2.97
C ASP A 22 8.66 -6.85 3.75
N GLY A 23 8.63 -5.68 4.38
CA GLY A 23 9.76 -5.22 5.13
C GLY A 23 9.67 -5.63 6.59
N GLY A 24 8.48 -6.08 7.03
CA GLY A 24 8.34 -6.46 8.43
C GLY A 24 6.92 -6.46 8.99
N CYS A 25 6.03 -5.65 8.45
CA CYS A 25 4.67 -5.58 9.03
C CYS A 25 3.75 -6.63 8.39
N ASP A 26 4.03 -6.95 7.13
CA ASP A 26 3.21 -7.88 6.31
C ASP A 26 1.76 -7.38 6.14
N GLU A 27 1.57 -6.08 6.38
CA GLU A 27 0.26 -5.47 6.27
C GLU A 27 -0.01 -4.95 4.86
N TRP A 28 -1.29 -4.70 4.58
CA TRP A 28 -1.73 -4.28 3.24
C TRP A 28 -2.15 -2.82 3.20
N PHE A 29 -1.59 -2.12 2.24
CA PHE A 29 -1.79 -0.69 2.07
C PHE A 29 -2.41 -0.45 0.67
N HIS A 30 -3.04 0.69 0.49
CA HIS A 30 -3.55 1.10 -0.85
C HIS A 30 -2.53 1.98 -1.48
N GLN A 31 -2.30 1.78 -2.76
CA GLN A 31 -1.36 2.63 -3.48
C GLN A 31 -1.69 4.11 -3.35
N VAL A 32 -2.94 4.49 -3.59
CA VAL A 32 -3.31 5.88 -3.52
C VAL A 32 -3.23 6.45 -2.07
N CYS A 33 -3.70 5.66 -1.12
CA CYS A 33 -3.79 6.09 0.27
C CYS A 33 -2.39 6.22 0.92
N VAL A 34 -1.42 5.44 0.43
CA VAL A 34 -0.09 5.51 0.95
C VAL A 34 0.86 6.22 -0.09
N GLY A 35 0.25 6.83 -1.12
CA GLY A 35 0.98 7.59 -2.16
C GLY A 35 1.96 6.79 -3.06
N VAL A 36 1.60 5.59 -3.43
CA VAL A 36 2.38 4.75 -4.35
C VAL A 36 1.82 4.90 -5.76
N SER A 37 2.68 4.77 -6.75
CA SER A 37 2.25 4.81 -8.11
C SER A 37 2.16 3.37 -8.59
N PRO A 38 1.28 3.05 -9.57
CA PRO A 38 1.11 1.67 -10.07
C PRO A 38 2.42 1.10 -10.63
N GLU A 39 3.33 1.98 -11.01
CA GLU A 39 4.60 1.62 -11.56
C GLU A 39 5.51 1.08 -10.46
N MET A 40 5.38 1.64 -9.24
CA MET A 40 6.26 1.28 -8.16
C MET A 40 5.95 -0.10 -7.63
N ALA A 41 4.67 -0.40 -7.54
CA ALA A 41 4.18 -1.67 -6.94
C ALA A 41 4.78 -2.91 -7.63
N GLU A 42 4.75 -2.93 -8.93
CA GLU A 42 5.24 -4.09 -9.66
C GLU A 42 6.74 -4.01 -9.99
N ASN A 43 7.35 -2.84 -9.86
CA ASN A 43 8.74 -2.66 -10.27
C ASN A 43 9.75 -2.48 -9.13
N GLU A 44 9.34 -1.89 -8.03
CA GLU A 44 10.27 -1.65 -6.92
C GLU A 44 9.73 -2.16 -5.60
N ASP A 45 10.61 -2.25 -4.62
CA ASP A 45 10.29 -2.78 -3.30
C ASP A 45 9.47 -1.78 -2.50
N TYR A 46 8.24 -2.14 -2.19
CA TYR A 46 7.42 -1.29 -1.34
C TYR A 46 7.75 -1.45 0.15
N ILE A 47 8.37 -0.43 0.69
CA ILE A 47 8.65 -0.35 2.10
C ILE A 47 7.65 0.66 2.68
N CYS A 48 7.22 0.51 3.95
CA CYS A 48 6.23 1.41 4.49
C CYS A 48 6.90 2.30 5.52
N ILE A 49 6.12 3.23 6.06
CA ILE A 49 6.56 4.16 7.09
C ILE A 49 7.16 3.43 8.33
N ASN A 50 6.51 2.34 8.76
CA ASN A 50 6.96 1.57 9.94
C ASN A 50 8.19 0.73 9.61
N CYS A 51 8.26 0.27 8.37
CA CYS A 51 9.40 -0.53 7.93
C CYS A 51 10.62 0.36 7.68
N ALA A 52 10.38 1.61 7.31
CA ALA A 52 11.44 2.54 6.98
C ALA A 52 12.00 3.21 8.24
N SER A 1 -12.30 -3.30 7.85
CA SER A 1 -12.69 -2.63 6.58
C SER A 1 -11.75 -1.43 6.32
N VAL A 2 -10.68 -1.37 7.10
CA VAL A 2 -9.67 -0.35 7.00
C VAL A 2 -8.34 -1.06 6.77
N CYS A 3 -7.52 -0.57 5.86
CA CYS A 3 -6.25 -1.26 5.59
C CYS A 3 -5.13 -0.57 6.39
N ALA A 4 -3.90 -0.96 6.16
CA ALA A 4 -2.80 -0.33 6.83
C ALA A 4 -2.37 0.90 6.02
N ALA A 5 -2.46 2.07 6.62
CA ALA A 5 -1.93 3.31 6.05
C ALA A 5 -2.18 4.39 7.06
N GLN A 6 -1.25 5.37 7.13
CA GLN A 6 -1.43 6.57 7.99
C GLN A 6 -2.81 7.17 7.75
N ASN A 7 -3.15 7.24 6.50
CA ASN A 7 -4.43 7.74 6.10
C ASN A 7 -5.07 6.80 5.10
N CYS A 8 -5.99 6.00 5.54
CA CYS A 8 -6.62 5.15 4.62
C CYS A 8 -7.94 5.74 4.18
N GLN A 9 -7.98 6.12 2.92
CA GLN A 9 -9.16 6.68 2.27
C GLN A 9 -10.26 5.62 2.15
N ARG A 10 -9.91 4.36 2.42
CA ARG A 10 -10.79 3.20 2.22
C ARG A 10 -11.39 3.17 0.79
N PRO A 11 -10.57 3.40 -0.29
CA PRO A 11 -11.11 3.46 -1.64
C PRO A 11 -11.64 2.11 -2.06
N CYS A 12 -12.83 2.11 -2.59
CA CYS A 12 -13.47 0.91 -2.97
C CYS A 12 -13.66 0.85 -4.47
N LYS A 13 -12.76 0.17 -5.11
CA LYS A 13 -12.85 -0.15 -6.51
C LYS A 13 -12.46 -1.56 -6.68
N ASP A 14 -12.97 -2.19 -7.72
CA ASP A 14 -12.59 -3.55 -8.00
C ASP A 14 -11.27 -3.55 -8.71
N LYS A 15 -11.11 -2.64 -9.67
CA LYS A 15 -9.88 -2.52 -10.38
C LYS A 15 -8.92 -1.61 -9.60
N VAL A 16 -8.15 -2.20 -8.69
CA VAL A 16 -7.16 -1.47 -7.91
C VAL A 16 -6.24 -2.42 -7.14
N ASP A 17 -5.01 -2.44 -7.55
CA ASP A 17 -3.97 -3.23 -6.92
C ASP A 17 -3.50 -2.66 -5.56
N TRP A 18 -3.19 -3.57 -4.66
CA TRP A 18 -2.79 -3.28 -3.28
C TRP A 18 -1.31 -3.60 -3.11
N VAL A 19 -0.69 -3.04 -2.09
CA VAL A 19 0.73 -3.26 -1.86
C VAL A 19 0.97 -3.76 -0.44
N GLN A 20 1.83 -4.73 -0.32
CA GLN A 20 2.23 -5.27 0.96
C GLN A 20 3.62 -4.76 1.28
N CYS A 21 3.89 -4.39 2.52
CA CYS A 21 5.23 -3.98 2.84
C CYS A 21 6.05 -5.20 3.25
N ASP A 22 6.83 -5.67 2.31
CA ASP A 22 7.65 -6.88 2.48
C ASP A 22 8.94 -6.54 3.23
N GLY A 23 8.92 -5.41 3.93
CA GLY A 23 10.07 -4.95 4.62
C GLY A 23 9.99 -5.21 6.10
N GLY A 24 8.92 -5.87 6.58
CA GLY A 24 8.86 -6.14 8.01
C GLY A 24 7.45 -6.29 8.62
N CYS A 25 6.46 -5.54 8.12
CA CYS A 25 5.14 -5.61 8.75
C CYS A 25 4.26 -6.62 8.04
N ASP A 26 4.51 -6.78 6.72
CA ASP A 26 3.72 -7.67 5.84
C ASP A 26 2.25 -7.27 5.77
N GLU A 27 1.96 -6.02 6.09
CA GLU A 27 0.60 -5.53 6.05
C GLU A 27 0.22 -5.03 4.66
N TRP A 28 -1.07 -4.86 4.42
CA TRP A 28 -1.60 -4.49 3.10
C TRP A 28 -2.11 -3.05 3.08
N PHE A 29 -1.55 -2.30 2.17
CA PHE A 29 -1.83 -0.88 2.01
C PHE A 29 -2.46 -0.65 0.62
N HIS A 30 -3.14 0.47 0.45
CA HIS A 30 -3.68 0.87 -0.85
C HIS A 30 -2.69 1.79 -1.50
N GLN A 31 -2.46 1.63 -2.79
CA GLN A 31 -1.56 2.53 -3.49
C GLN A 31 -1.94 4.00 -3.32
N VAL A 32 -3.20 4.34 -3.52
CA VAL A 32 -3.61 5.74 -3.40
C VAL A 32 -3.58 6.24 -1.93
N CYS A 33 -3.97 5.37 -1.00
CA CYS A 33 -4.10 5.76 0.40
C CYS A 33 -2.73 5.94 1.06
N VAL A 34 -1.71 5.19 0.60
CA VAL A 34 -0.41 5.33 1.15
C VAL A 34 0.52 6.11 0.14
N GLY A 35 -0.11 6.62 -0.92
CA GLY A 35 0.60 7.37 -1.98
C GLY A 35 1.66 6.60 -2.79
N VAL A 36 1.36 5.40 -3.22
CA VAL A 36 2.22 4.63 -4.10
C VAL A 36 1.75 4.83 -5.54
N SER A 37 2.66 4.79 -6.47
CA SER A 37 2.32 4.86 -7.85
C SER A 37 2.37 3.44 -8.40
N PRO A 38 1.61 3.12 -9.48
CA PRO A 38 1.52 1.75 -10.04
C PRO A 38 2.90 1.10 -10.27
N GLU A 39 3.84 1.91 -10.73
CA GLU A 39 5.19 1.49 -11.00
C GLU A 39 5.95 1.10 -9.75
N MET A 40 5.66 1.69 -8.61
CA MET A 40 6.42 1.36 -7.45
C MET A 40 6.01 -0.02 -6.97
N ALA A 41 4.75 -0.33 -7.14
CA ALA A 41 4.21 -1.65 -6.83
C ALA A 41 4.82 -2.78 -7.72
N GLU A 42 4.87 -2.54 -9.02
CA GLU A 42 5.37 -3.55 -9.97
C GLU A 42 6.89 -3.51 -10.18
N ASN A 43 7.50 -2.36 -10.01
CA ASN A 43 8.89 -2.21 -10.37
C ASN A 43 9.84 -2.14 -9.17
N GLU A 44 9.36 -1.68 -8.03
CA GLU A 44 10.27 -1.52 -6.88
C GLU A 44 9.75 -2.21 -5.62
N ASP A 45 10.57 -2.22 -4.59
CA ASP A 45 10.23 -2.85 -3.32
C ASP A 45 9.45 -1.89 -2.43
N TYR A 46 8.20 -2.21 -2.13
CA TYR A 46 7.40 -1.34 -1.26
C TYR A 46 7.79 -1.44 0.23
N ILE A 47 8.28 -0.34 0.72
CA ILE A 47 8.62 -0.18 2.12
C ILE A 47 7.59 0.81 2.71
N CYS A 48 7.20 0.65 3.97
CA CYS A 48 6.19 1.53 4.52
C CYS A 48 6.82 2.47 5.54
N ILE A 49 6.02 3.35 6.12
CA ILE A 49 6.44 4.29 7.16
C ILE A 49 7.11 3.57 8.38
N ASN A 50 6.57 2.43 8.78
CA ASN A 50 7.08 1.66 9.93
C ASN A 50 8.32 0.90 9.55
N CYS A 51 8.41 0.50 8.30
CA CYS A 51 9.57 -0.20 7.79
C CYS A 51 10.73 0.77 7.52
N ALA A 52 10.39 1.99 7.15
CA ALA A 52 11.41 2.98 6.77
C ALA A 52 11.93 3.74 8.01
N SER A 1 -12.03 -3.89 7.21
CA SER A 1 -12.76 -2.82 6.46
C SER A 1 -11.87 -1.59 6.25
N VAL A 2 -10.73 -1.57 6.96
CA VAL A 2 -9.75 -0.50 6.88
C VAL A 2 -8.38 -1.16 6.70
N CYS A 3 -7.56 -0.64 5.80
CA CYS A 3 -6.26 -1.25 5.56
C CYS A 3 -5.20 -0.53 6.44
N ALA A 4 -3.95 -0.86 6.23
CA ALA A 4 -2.89 -0.19 6.93
C ALA A 4 -2.44 1.00 6.09
N ALA A 5 -2.55 2.19 6.64
CA ALA A 5 -2.03 3.42 6.02
C ALA A 5 -2.27 4.55 6.95
N GLN A 6 -1.30 5.50 7.02
CA GLN A 6 -1.42 6.74 7.81
C GLN A 6 -2.78 7.42 7.51
N ASN A 7 -3.10 7.47 6.25
CA ASN A 7 -4.38 8.01 5.80
C ASN A 7 -5.05 7.04 4.89
N CYS A 8 -5.97 6.25 5.39
CA CYS A 8 -6.62 5.35 4.51
C CYS A 8 -7.96 5.88 4.08
N GLN A 9 -8.03 6.19 2.80
CA GLN A 9 -9.22 6.70 2.13
C GLN A 9 -10.30 5.63 2.01
N ARG A 10 -9.94 4.39 2.37
CA ARG A 10 -10.81 3.18 2.24
C ARG A 10 -11.40 2.99 0.78
N PRO A 11 -10.58 3.20 -0.32
CA PRO A 11 -11.10 3.09 -1.69
C PRO A 11 -11.40 1.64 -2.08
N CYS A 12 -12.53 1.45 -2.72
CA CYS A 12 -12.96 0.15 -3.17
C CYS A 12 -13.28 0.19 -4.65
N LYS A 13 -12.51 -0.58 -5.43
CA LYS A 13 -12.72 -0.71 -6.86
C LYS A 13 -12.29 -2.09 -7.26
N ASP A 14 -12.70 -2.53 -8.45
CA ASP A 14 -12.25 -3.84 -8.97
C ASP A 14 -10.93 -3.65 -9.68
N LYS A 15 -10.56 -2.41 -9.80
CA LYS A 15 -9.36 -2.02 -10.47
C LYS A 15 -8.57 -1.10 -9.56
N VAL A 16 -7.72 -1.70 -8.73
CA VAL A 16 -6.86 -0.98 -7.80
C VAL A 16 -5.97 -1.96 -7.04
N ASP A 17 -4.80 -2.13 -7.51
CA ASP A 17 -3.79 -2.98 -6.88
C ASP A 17 -3.37 -2.49 -5.50
N TRP A 18 -3.11 -3.45 -4.64
CA TRP A 18 -2.73 -3.23 -3.24
C TRP A 18 -1.28 -3.59 -3.05
N VAL A 19 -0.66 -3.08 -2.00
CA VAL A 19 0.73 -3.34 -1.76
C VAL A 19 0.96 -3.82 -0.32
N GLN A 20 1.77 -4.84 -0.19
CA GLN A 20 2.15 -5.39 1.10
C GLN A 20 3.54 -4.84 1.42
N CYS A 21 3.80 -4.46 2.65
CA CYS A 21 5.12 -3.98 2.97
C CYS A 21 6.02 -5.12 3.40
N ASP A 22 6.88 -5.53 2.48
CA ASP A 22 7.78 -6.67 2.64
C ASP A 22 9.00 -6.29 3.48
N GLY A 23 8.88 -5.20 4.21
CA GLY A 23 9.95 -4.75 5.04
C GLY A 23 9.85 -5.29 6.46
N GLY A 24 8.71 -5.92 6.81
CA GLY A 24 8.60 -6.46 8.14
C GLY A 24 7.21 -6.46 8.77
N CYS A 25 6.26 -5.68 8.25
CA CYS A 25 4.94 -5.65 8.88
C CYS A 25 4.03 -6.70 8.21
N ASP A 26 4.31 -6.96 6.92
CA ASP A 26 3.49 -7.86 6.04
C ASP A 26 2.04 -7.37 5.93
N GLU A 27 1.82 -6.11 6.26
CA GLU A 27 0.48 -5.53 6.21
C GLU A 27 0.14 -5.05 4.80
N TRP A 28 -1.15 -4.83 4.54
CA TRP A 28 -1.64 -4.44 3.20
C TRP A 28 -2.12 -3.00 3.16
N PHE A 29 -1.57 -2.25 2.22
CA PHE A 29 -1.85 -0.83 2.04
C PHE A 29 -2.48 -0.62 0.64
N HIS A 30 -3.15 0.53 0.45
CA HIS A 30 -3.68 0.92 -0.86
C HIS A 30 -2.68 1.83 -1.51
N GLN A 31 -2.52 1.71 -2.83
CA GLN A 31 -1.61 2.59 -3.54
C GLN A 31 -1.96 4.06 -3.36
N VAL A 32 -3.21 4.41 -3.55
CA VAL A 32 -3.61 5.81 -3.44
C VAL A 32 -3.56 6.32 -1.98
N CYS A 33 -3.96 5.47 -1.05
CA CYS A 33 -4.09 5.85 0.34
C CYS A 33 -2.72 6.04 1.01
N VAL A 34 -1.71 5.27 0.58
CA VAL A 34 -0.39 5.42 1.15
C VAL A 34 0.54 6.17 0.17
N GLY A 35 -0.05 6.64 -0.93
CA GLY A 35 0.70 7.31 -1.99
C GLY A 35 1.77 6.44 -2.67
N VAL A 36 1.36 5.47 -3.45
CA VAL A 36 2.21 4.64 -4.25
C VAL A 36 1.78 4.83 -5.70
N SER A 37 2.71 4.75 -6.63
CA SER A 37 2.39 4.87 -8.01
C SER A 37 2.27 3.46 -8.58
N PRO A 38 1.45 3.25 -9.64
CA PRO A 38 1.19 1.91 -10.21
C PRO A 38 2.49 1.15 -10.53
N GLU A 39 3.50 1.87 -10.98
CA GLU A 39 4.77 1.29 -11.31
C GLU A 39 5.59 0.89 -10.09
N MET A 40 5.38 1.54 -8.96
CA MET A 40 6.19 1.22 -7.81
C MET A 40 5.73 -0.12 -7.26
N ALA A 41 4.43 -0.37 -7.37
CA ALA A 41 3.83 -1.62 -6.91
C ALA A 41 4.45 -2.87 -7.57
N GLU A 42 4.65 -2.81 -8.87
CA GLU A 42 5.22 -3.97 -9.59
C GLU A 42 6.74 -3.93 -9.78
N ASN A 43 7.30 -2.75 -9.93
CA ASN A 43 8.69 -2.66 -10.32
C ASN A 43 9.63 -2.45 -9.17
N GLU A 44 9.13 -1.92 -8.07
CA GLU A 44 9.99 -1.62 -6.96
C GLU A 44 9.47 -2.21 -5.66
N ASP A 45 10.31 -2.19 -4.66
CA ASP A 45 10.03 -2.81 -3.39
C ASP A 45 9.34 -1.82 -2.45
N TYR A 46 8.14 -2.17 -2.00
CA TYR A 46 7.37 -1.31 -1.11
C TYR A 46 7.76 -1.42 0.38
N ILE A 47 8.39 -0.39 0.84
CA ILE A 47 8.71 -0.20 2.23
C ILE A 47 7.66 0.78 2.79
N CYS A 48 7.26 0.65 4.05
CA CYS A 48 6.24 1.53 4.56
C CYS A 48 6.87 2.47 5.59
N ILE A 49 6.05 3.35 6.13
CA ILE A 49 6.46 4.30 7.17
C ILE A 49 7.09 3.58 8.40
N ASN A 50 6.50 2.47 8.82
CA ASN A 50 6.99 1.70 9.97
C ASN A 50 8.22 0.89 9.62
N CYS A 51 8.26 0.40 8.39
CA CYS A 51 9.41 -0.38 7.91
C CYS A 51 10.63 0.52 7.68
N ALA A 52 10.39 1.77 7.41
CA ALA A 52 11.46 2.71 7.15
C ALA A 52 12.02 3.25 8.47
N SER A 1 -14.13 -2.62 6.40
CA SER A 1 -12.78 -2.85 6.99
C SER A 1 -11.77 -1.74 6.56
N VAL A 2 -10.70 -1.60 7.32
CA VAL A 2 -9.69 -0.59 7.09
C VAL A 2 -8.36 -1.28 6.82
N CYS A 3 -7.59 -0.78 5.87
CA CYS A 3 -6.30 -1.40 5.55
C CYS A 3 -5.22 -0.74 6.43
N ALA A 4 -3.96 -1.06 6.17
CA ALA A 4 -2.88 -0.43 6.89
C ALA A 4 -2.42 0.79 6.11
N ALA A 5 -2.51 1.96 6.71
CA ALA A 5 -1.97 3.20 6.15
C ALA A 5 -2.18 4.33 7.14
N GLN A 6 -1.22 5.28 7.16
CA GLN A 6 -1.30 6.52 7.97
C GLN A 6 -2.67 7.17 7.77
N ASN A 7 -3.12 7.15 6.55
CA ASN A 7 -4.42 7.67 6.20
C ASN A 7 -5.08 6.78 5.19
N CYS A 8 -6.14 6.10 5.58
CA CYS A 8 -6.80 5.29 4.63
C CYS A 8 -8.11 5.88 4.19
N GLN A 9 -8.14 6.22 2.92
CA GLN A 9 -9.29 6.81 2.24
C GLN A 9 -10.43 5.79 2.03
N ARG A 10 -10.10 4.52 2.32
CA ARG A 10 -11.02 3.35 2.08
C ARG A 10 -11.54 3.28 0.62
N PRO A 11 -10.64 3.33 -0.41
CA PRO A 11 -11.06 3.26 -1.81
C PRO A 11 -11.30 1.82 -2.22
N CYS A 12 -12.43 1.58 -2.84
CA CYS A 12 -12.77 0.27 -3.29
C CYS A 12 -13.08 0.29 -4.80
N LYS A 13 -12.21 -0.33 -5.56
CA LYS A 13 -12.37 -0.50 -6.99
C LYS A 13 -11.90 -1.89 -7.36
N ASP A 14 -12.36 -2.41 -8.46
CA ASP A 14 -11.94 -3.75 -8.92
C ASP A 14 -10.67 -3.67 -9.76
N LYS A 15 -10.13 -2.49 -9.89
CA LYS A 15 -8.93 -2.30 -10.67
C LYS A 15 -7.80 -1.78 -9.78
N VAL A 16 -8.05 -1.70 -8.48
CA VAL A 16 -7.04 -1.17 -7.57
C VAL A 16 -6.24 -2.30 -6.91
N ASP A 17 -5.04 -2.45 -7.36
CA ASP A 17 -4.11 -3.39 -6.79
C ASP A 17 -3.52 -2.83 -5.47
N TRP A 18 -3.12 -3.75 -4.59
CA TRP A 18 -2.69 -3.44 -3.23
C TRP A 18 -1.23 -3.77 -3.05
N VAL A 19 -0.61 -3.20 -2.05
CA VAL A 19 0.80 -3.41 -1.83
C VAL A 19 1.04 -3.86 -0.38
N GLN A 20 1.92 -4.81 -0.23
CA GLN A 20 2.32 -5.30 1.08
C GLN A 20 3.72 -4.80 1.39
N CYS A 21 3.97 -4.38 2.62
CA CYS A 21 5.33 -3.99 2.96
C CYS A 21 6.09 -5.21 3.46
N ASP A 22 6.93 -5.75 2.62
CA ASP A 22 7.68 -7.00 2.89
C ASP A 22 8.94 -6.71 3.72
N GLY A 23 8.89 -5.65 4.48
CA GLY A 23 10.03 -5.23 5.24
C GLY A 23 9.83 -5.40 6.74
N GLY A 24 8.74 -6.06 7.17
CA GLY A 24 8.59 -6.23 8.61
C GLY A 24 7.14 -6.24 9.12
N CYS A 25 6.27 -5.39 8.58
CA CYS A 25 4.89 -5.33 9.10
C CYS A 25 4.06 -6.39 8.38
N ASP A 26 4.41 -6.60 7.09
CA ASP A 26 3.72 -7.53 6.20
C ASP A 26 2.21 -7.21 6.08
N GLU A 27 1.85 -5.93 6.32
CA GLU A 27 0.47 -5.47 6.23
C GLU A 27 0.14 -5.05 4.79
N TRP A 28 -1.13 -4.83 4.51
CA TRP A 28 -1.60 -4.49 3.16
C TRP A 28 -2.09 -3.05 3.09
N PHE A 29 -1.55 -2.31 2.13
CA PHE A 29 -1.81 -0.90 1.97
C PHE A 29 -2.45 -0.63 0.59
N HIS A 30 -3.13 0.51 0.45
CA HIS A 30 -3.68 0.94 -0.85
C HIS A 30 -2.71 1.90 -1.49
N GLN A 31 -2.48 1.75 -2.78
CA GLN A 31 -1.57 2.65 -3.50
C GLN A 31 -1.90 4.13 -3.29
N VAL A 32 -3.16 4.51 -3.40
CA VAL A 32 -3.52 5.93 -3.24
C VAL A 32 -3.45 6.37 -1.76
N CYS A 33 -3.90 5.51 -0.86
CA CYS A 33 -4.00 5.88 0.54
C CYS A 33 -2.61 6.00 1.20
N VAL A 34 -1.62 5.26 0.68
CA VAL A 34 -0.30 5.34 1.21
C VAL A 34 0.65 6.09 0.21
N GLY A 35 0.05 6.65 -0.84
CA GLY A 35 0.81 7.34 -1.89
C GLY A 35 1.89 6.50 -2.65
N VAL A 36 1.46 5.49 -3.37
CA VAL A 36 2.28 4.64 -4.24
C VAL A 36 1.80 4.82 -5.67
N SER A 37 2.66 4.75 -6.64
CA SER A 37 2.24 4.87 -8.01
C SER A 37 2.11 3.46 -8.63
N PRO A 38 1.27 3.28 -9.68
CA PRO A 38 1.06 1.96 -10.33
C PRO A 38 2.36 1.31 -10.80
N GLU A 39 3.34 2.11 -11.20
CA GLU A 39 4.60 1.60 -11.64
C GLU A 39 5.41 1.06 -10.46
N MET A 40 5.17 1.62 -9.31
CA MET A 40 5.90 1.28 -8.10
C MET A 40 5.52 -0.12 -7.67
N ALA A 41 4.24 -0.40 -7.65
CA ALA A 41 3.70 -1.69 -7.24
C ALA A 41 4.22 -2.85 -8.10
N GLU A 42 4.22 -2.65 -9.40
CA GLU A 42 4.63 -3.73 -10.31
C GLU A 42 6.14 -3.78 -10.56
N ASN A 43 6.86 -2.75 -10.20
CA ASN A 43 8.27 -2.71 -10.52
C ASN A 43 9.21 -2.62 -9.32
N GLU A 44 8.81 -1.95 -8.26
CA GLU A 44 9.74 -1.71 -7.18
C GLU A 44 9.23 -2.19 -5.82
N ASP A 45 10.17 -2.40 -4.95
CA ASP A 45 9.94 -2.92 -3.61
C ASP A 45 9.28 -1.89 -2.71
N TYR A 46 8.05 -2.19 -2.31
CA TYR A 46 7.29 -1.36 -1.42
C TYR A 46 7.68 -1.54 0.06
N ILE A 47 8.26 -0.52 0.57
CA ILE A 47 8.60 -0.42 1.97
C ILE A 47 7.71 0.69 2.56
N CYS A 48 7.20 0.52 3.78
CA CYS A 48 6.25 1.50 4.33
C CYS A 48 7.01 2.46 5.23
N ILE A 49 6.30 3.46 5.73
CA ILE A 49 6.84 4.46 6.65
C ILE A 49 7.52 3.82 7.88
N ASN A 50 6.96 2.75 8.40
CA ASN A 50 7.48 2.09 9.59
C ASN A 50 8.65 1.19 9.23
N CYS A 51 8.63 0.64 8.04
CA CYS A 51 9.72 -0.18 7.55
C CYS A 51 10.89 0.69 7.09
N ALA A 52 10.59 1.89 6.65
CA ALA A 52 11.59 2.82 6.12
C ALA A 52 11.99 3.87 7.16
N SER A 1 -11.37 -4.58 6.96
CA SER A 1 -12.18 -3.47 6.39
C SER A 1 -11.29 -2.23 6.14
N VAL A 2 -10.62 -1.76 7.19
CA VAL A 2 -9.76 -0.62 7.06
C VAL A 2 -8.35 -1.16 6.94
N CYS A 3 -7.60 -0.65 5.99
CA CYS A 3 -6.27 -1.16 5.75
C CYS A 3 -5.24 -0.40 6.60
N ALA A 4 -3.97 -0.71 6.42
CA ALA A 4 -2.91 -0.06 7.14
C ALA A 4 -2.39 1.08 6.25
N ALA A 5 -2.47 2.31 6.74
CA ALA A 5 -1.89 3.48 6.06
C ALA A 5 -2.04 4.71 6.91
N GLN A 6 -1.08 5.66 6.81
CA GLN A 6 -1.15 6.99 7.49
C GLN A 6 -2.54 7.63 7.28
N ASN A 7 -3.02 7.53 6.08
CA ASN A 7 -4.34 8.01 5.74
C ASN A 7 -4.97 7.06 4.77
N CYS A 8 -5.90 6.29 5.24
CA CYS A 8 -6.53 5.37 4.37
C CYS A 8 -7.84 5.92 3.83
N GLN A 9 -7.84 6.24 2.54
CA GLN A 9 -9.02 6.77 1.81
C GLN A 9 -10.11 5.70 1.69
N ARG A 10 -9.78 4.45 2.09
CA ARG A 10 -10.70 3.29 2.02
C ARG A 10 -11.36 3.08 0.62
N PRO A 11 -10.59 3.17 -0.53
CA PRO A 11 -11.15 3.00 -1.86
C PRO A 11 -11.39 1.52 -2.17
N CYS A 12 -12.52 1.24 -2.77
CA CYS A 12 -12.89 -0.09 -3.15
C CYS A 12 -13.35 -0.10 -4.60
N LYS A 13 -12.59 -0.77 -5.43
CA LYS A 13 -12.86 -0.92 -6.85
C LYS A 13 -12.32 -2.26 -7.26
N ASP A 14 -12.70 -2.74 -8.43
CA ASP A 14 -12.11 -3.97 -8.95
C ASP A 14 -10.67 -3.71 -9.35
N LYS A 15 -10.52 -2.79 -10.30
CA LYS A 15 -9.27 -2.40 -10.94
C LYS A 15 -8.23 -1.69 -10.00
N VAL A 16 -8.21 -1.99 -8.71
CA VAL A 16 -7.22 -1.37 -7.83
C VAL A 16 -6.36 -2.38 -7.09
N ASP A 17 -5.13 -2.44 -7.49
CA ASP A 17 -4.11 -3.28 -6.86
C ASP A 17 -3.65 -2.72 -5.51
N TRP A 18 -3.32 -3.61 -4.60
CA TRP A 18 -2.91 -3.30 -3.23
C TRP A 18 -1.45 -3.67 -3.05
N VAL A 19 -0.80 -3.10 -2.05
CA VAL A 19 0.62 -3.38 -1.82
C VAL A 19 0.84 -3.85 -0.39
N GLN A 20 1.66 -4.84 -0.26
CA GLN A 20 2.03 -5.39 1.01
C GLN A 20 3.46 -4.95 1.35
N CYS A 21 3.72 -4.58 2.60
CA CYS A 21 5.07 -4.17 2.95
C CYS A 21 5.88 -5.37 3.46
N ASP A 22 6.81 -5.82 2.65
CA ASP A 22 7.64 -7.01 2.95
C ASP A 22 8.87 -6.61 3.73
N GLY A 23 8.74 -5.52 4.46
CA GLY A 23 9.83 -5.04 5.24
C GLY A 23 9.72 -5.50 6.68
N GLY A 24 8.59 -6.13 7.03
CA GLY A 24 8.44 -6.59 8.40
C GLY A 24 6.99 -6.65 8.94
N CYS A 25 6.06 -5.91 8.34
CA CYS A 25 4.68 -5.90 8.89
C CYS A 25 3.78 -6.95 8.19
N ASP A 26 4.05 -7.18 6.89
CA ASP A 26 3.22 -8.05 6.00
C ASP A 26 1.77 -7.55 5.89
N GLU A 27 1.57 -6.26 6.21
CA GLU A 27 0.25 -5.65 6.15
C GLU A 27 -0.06 -5.11 4.76
N TRP A 28 -1.33 -4.90 4.50
CA TRP A 28 -1.80 -4.47 3.19
C TRP A 28 -2.20 -3.00 3.19
N PHE A 29 -1.65 -2.28 2.25
CA PHE A 29 -1.85 -0.87 2.09
C PHE A 29 -2.46 -0.62 0.71
N HIS A 30 -3.13 0.49 0.54
CA HIS A 30 -3.62 0.88 -0.79
C HIS A 30 -2.59 1.75 -1.42
N GLN A 31 -2.34 1.57 -2.70
CA GLN A 31 -1.37 2.42 -3.40
C GLN A 31 -1.67 3.90 -3.22
N VAL A 32 -2.87 4.31 -3.57
CA VAL A 32 -3.23 5.73 -3.48
C VAL A 32 -3.25 6.24 -2.00
N CYS A 33 -3.69 5.38 -1.08
CA CYS A 33 -3.84 5.77 0.30
C CYS A 33 -2.48 5.89 1.00
N VAL A 34 -1.48 5.19 0.49
CA VAL A 34 -0.18 5.30 1.07
C VAL A 34 0.81 6.01 0.09
N GLY A 35 0.24 6.61 -0.95
CA GLY A 35 1.04 7.35 -1.96
C GLY A 35 2.01 6.54 -2.86
N VAL A 36 1.62 5.34 -3.23
CA VAL A 36 2.38 4.52 -4.16
C VAL A 36 1.78 4.69 -5.55
N SER A 37 2.61 4.69 -6.56
CA SER A 37 2.14 4.78 -7.91
C SER A 37 2.12 3.35 -8.47
N PRO A 38 1.23 3.05 -9.44
CA PRO A 38 1.12 1.68 -10.01
C PRO A 38 2.44 1.16 -10.58
N GLU A 39 3.29 2.09 -11.01
CA GLU A 39 4.56 1.77 -11.62
C GLU A 39 5.57 1.30 -10.54
N MET A 40 5.33 1.76 -9.32
CA MET A 40 6.16 1.47 -8.16
C MET A 40 5.94 0.04 -7.70
N ALA A 41 4.66 -0.32 -7.62
CA ALA A 41 4.24 -1.64 -7.13
C ALA A 41 4.87 -2.79 -7.94
N GLU A 42 4.83 -2.68 -9.25
CA GLU A 42 5.37 -3.72 -10.13
C GLU A 42 6.92 -3.66 -10.26
N ASN A 43 7.55 -2.57 -9.82
CA ASN A 43 8.98 -2.40 -10.05
C ASN A 43 9.89 -2.36 -8.79
N GLU A 44 9.46 -1.70 -7.72
CA GLU A 44 10.34 -1.54 -6.55
C GLU A 44 9.70 -2.07 -5.26
N ASP A 45 10.54 -2.25 -4.24
CA ASP A 45 10.11 -2.80 -2.96
C ASP A 45 9.30 -1.79 -2.20
N TYR A 46 8.06 -2.08 -1.97
CA TYR A 46 7.26 -1.24 -1.13
C TYR A 46 7.64 -1.39 0.36
N ILE A 47 8.21 -0.34 0.89
CA ILE A 47 8.51 -0.24 2.29
C ILE A 47 7.54 0.75 2.90
N CYS A 48 6.99 0.48 4.09
CA CYS A 48 5.97 1.35 4.64
C CYS A 48 6.62 2.30 5.62
N ILE A 49 5.82 3.21 6.15
CA ILE A 49 6.25 4.17 7.13
C ILE A 49 6.86 3.50 8.41
N ASN A 50 6.29 2.37 8.82
CA ASN A 50 6.76 1.64 9.99
C ASN A 50 7.99 0.83 9.67
N CYS A 51 8.05 0.31 8.45
CA CYS A 51 9.21 -0.45 7.99
C CYS A 51 10.41 0.50 7.75
N ALA A 52 10.12 1.76 7.46
CA ALA A 52 11.16 2.73 7.16
C ALA A 52 11.65 3.46 8.43
N SER A 1 -13.56 -3.54 6.79
CA SER A 1 -12.18 -3.92 6.42
C SER A 1 -11.34 -2.68 6.08
N VAL A 2 -10.40 -2.33 6.96
CA VAL A 2 -9.55 -1.16 6.79
C VAL A 2 -8.12 -1.61 6.56
N CYS A 3 -7.44 -1.02 5.60
CA CYS A 3 -6.07 -1.40 5.31
C CYS A 3 -5.10 -0.58 6.19
N ALA A 4 -3.82 -0.79 5.99
CA ALA A 4 -2.81 -0.08 6.71
C ALA A 4 -2.41 1.20 5.94
N ALA A 5 -2.61 2.35 6.57
CA ALA A 5 -2.14 3.67 6.11
C ALA A 5 -2.61 4.69 7.11
N GLN A 6 -1.73 5.63 7.51
CA GLN A 6 -2.10 6.71 8.44
C GLN A 6 -3.38 7.41 7.99
N ASN A 7 -3.49 7.66 6.71
CA ASN A 7 -4.71 8.18 6.14
C ASN A 7 -5.24 7.24 5.08
N CYS A 8 -6.08 6.31 5.46
CA CYS A 8 -6.63 5.41 4.49
C CYS A 8 -7.97 5.93 4.00
N GLN A 9 -8.00 6.23 2.72
CA GLN A 9 -9.20 6.75 2.03
C GLN A 9 -10.29 5.64 1.91
N ARG A 10 -9.92 4.42 2.29
CA ARG A 10 -10.76 3.21 2.16
C ARG A 10 -11.43 3.04 0.77
N PRO A 11 -10.68 3.21 -0.36
CA PRO A 11 -11.24 3.08 -1.70
C PRO A 11 -11.45 1.62 -2.09
N CYS A 12 -12.63 1.34 -2.59
CA CYS A 12 -12.98 0.04 -3.04
C CYS A 12 -13.37 0.12 -4.52
N LYS A 13 -12.58 -0.50 -5.37
CA LYS A 13 -12.83 -0.56 -6.81
C LYS A 13 -12.36 -1.89 -7.33
N ASP A 14 -12.91 -2.30 -8.48
CA ASP A 14 -12.52 -3.56 -9.14
C ASP A 14 -11.19 -3.41 -9.85
N LYS A 15 -10.72 -2.17 -9.94
CA LYS A 15 -9.45 -1.89 -10.54
C LYS A 15 -8.58 -1.12 -9.57
N VAL A 16 -7.90 -1.85 -8.70
CA VAL A 16 -6.97 -1.25 -7.75
C VAL A 16 -6.19 -2.33 -7.00
N ASP A 17 -5.03 -2.58 -7.49
CA ASP A 17 -4.09 -3.48 -6.84
C ASP A 17 -3.52 -2.89 -5.55
N TRP A 18 -3.27 -3.78 -4.61
CA TRP A 18 -2.82 -3.44 -3.27
C TRP A 18 -1.36 -3.80 -3.12
N VAL A 19 -0.69 -3.22 -2.15
CA VAL A 19 0.71 -3.48 -1.93
C VAL A 19 0.96 -3.93 -0.49
N GLN A 20 1.71 -4.98 -0.33
CA GLN A 20 2.07 -5.45 0.98
C GLN A 20 3.48 -4.95 1.28
N CYS A 21 3.73 -4.48 2.49
CA CYS A 21 5.09 -4.08 2.80
C CYS A 21 5.89 -5.27 3.30
N ASP A 22 6.73 -5.77 2.44
CA ASP A 22 7.56 -6.95 2.73
C ASP A 22 8.81 -6.57 3.52
N GLY A 23 8.77 -5.37 4.12
CA GLY A 23 9.88 -4.88 4.89
C GLY A 23 9.79 -5.32 6.35
N GLY A 24 8.66 -5.94 6.74
CA GLY A 24 8.54 -6.42 8.11
C GLY A 24 7.15 -6.34 8.77
N CYS A 25 6.17 -5.62 8.18
CA CYS A 25 4.84 -5.56 8.83
C CYS A 25 3.89 -6.62 8.23
N ASP A 26 4.16 -6.97 6.96
CA ASP A 26 3.30 -7.92 6.18
C ASP A 26 1.90 -7.36 5.95
N GLU A 27 1.74 -6.07 6.16
CA GLU A 27 0.43 -5.46 6.03
C GLU A 27 0.16 -4.94 4.63
N TRP A 28 -1.12 -4.77 4.33
CA TRP A 28 -1.58 -4.38 3.01
C TRP A 28 -2.03 -2.94 2.98
N PHE A 29 -1.47 -2.20 2.06
CA PHE A 29 -1.75 -0.79 1.91
C PHE A 29 -2.36 -0.56 0.51
N HIS A 30 -3.07 0.54 0.35
CA HIS A 30 -3.62 0.94 -0.96
C HIS A 30 -2.63 1.85 -1.62
N GLN A 31 -2.43 1.68 -2.91
CA GLN A 31 -1.53 2.54 -3.65
C GLN A 31 -1.92 4.03 -3.53
N VAL A 32 -3.19 4.32 -3.64
CA VAL A 32 -3.61 5.73 -3.56
C VAL A 32 -3.54 6.29 -2.11
N CYS A 33 -3.95 5.47 -1.15
CA CYS A 33 -4.06 5.91 0.22
C CYS A 33 -2.70 6.13 0.86
N VAL A 34 -1.71 5.36 0.44
CA VAL A 34 -0.39 5.51 0.98
C VAL A 34 0.55 6.23 -0.02
N GLY A 35 -0.03 6.71 -1.13
CA GLY A 35 0.76 7.36 -2.17
C GLY A 35 1.84 6.49 -2.86
N VAL A 36 1.40 5.51 -3.62
CA VAL A 36 2.23 4.66 -4.43
C VAL A 36 1.70 4.75 -5.84
N SER A 37 2.56 4.60 -6.80
CA SER A 37 2.13 4.59 -8.16
C SER A 37 2.16 3.14 -8.64
N PRO A 38 1.30 2.74 -9.61
CA PRO A 38 1.29 1.35 -10.16
C PRO A 38 2.69 0.89 -10.62
N GLU A 39 3.55 1.87 -10.92
CA GLU A 39 4.89 1.66 -11.38
C GLU A 39 5.77 1.20 -10.19
N MET A 40 5.51 1.73 -9.01
CA MET A 40 6.31 1.34 -7.87
C MET A 40 5.93 -0.06 -7.43
N ALA A 41 4.64 -0.32 -7.50
CA ALA A 41 4.08 -1.62 -7.10
C ALA A 41 4.70 -2.81 -7.84
N GLU A 42 4.79 -2.72 -9.14
CA GLU A 42 5.30 -3.85 -9.92
C GLU A 42 6.81 -3.74 -10.20
N ASN A 43 7.36 -2.56 -10.03
CA ASN A 43 8.73 -2.36 -10.41
C ASN A 43 9.71 -2.29 -9.22
N GLU A 44 9.21 -2.03 -8.01
CA GLU A 44 10.06 -1.99 -6.81
C GLU A 44 9.41 -2.67 -5.61
N ASP A 45 10.14 -2.73 -4.53
CA ASP A 45 9.68 -3.30 -3.26
C ASP A 45 9.06 -2.24 -2.37
N TYR A 46 7.80 -2.43 -2.00
CA TYR A 46 7.11 -1.48 -1.15
C TYR A 46 7.53 -1.54 0.33
N ILE A 47 8.30 -0.57 0.71
CA ILE A 47 8.65 -0.33 2.10
C ILE A 47 7.64 0.70 2.61
N CYS A 48 7.12 0.55 3.83
CA CYS A 48 6.13 1.47 4.30
C CYS A 48 6.80 2.46 5.23
N ILE A 49 6.07 3.46 5.65
CA ILE A 49 6.56 4.47 6.57
C ILE A 49 7.07 3.85 7.90
N ASN A 50 6.39 2.81 8.39
CA ASN A 50 6.77 2.12 9.62
C ASN A 50 7.99 1.23 9.38
N CYS A 51 8.12 0.73 8.15
CA CYS A 51 9.29 -0.07 7.78
C CYS A 51 10.51 0.84 7.51
N ALA A 52 10.24 2.05 7.11
CA ALA A 52 11.30 3.00 6.74
C ALA A 52 11.84 3.74 7.97
N SER A 1 -11.78 -4.35 6.71
CA SER A 1 -12.48 -3.28 5.97
C SER A 1 -11.62 -1.98 5.93
N VAL A 2 -10.55 -1.99 6.69
CA VAL A 2 -9.63 -0.87 6.74
C VAL A 2 -8.22 -1.42 6.58
N CYS A 3 -7.46 -0.84 5.66
CA CYS A 3 -6.12 -1.32 5.36
C CYS A 3 -5.13 -0.60 6.30
N ALA A 4 -3.83 -0.80 6.07
CA ALA A 4 -2.83 -0.08 6.81
C ALA A 4 -2.44 1.18 6.03
N ALA A 5 -2.65 2.34 6.65
CA ALA A 5 -2.18 3.65 6.16
C ALA A 5 -2.63 4.69 7.15
N GLN A 6 -1.71 5.57 7.55
CA GLN A 6 -2.02 6.66 8.52
C GLN A 6 -3.28 7.43 8.09
N ASN A 7 -3.38 7.71 6.83
CA ASN A 7 -4.57 8.31 6.28
C ASN A 7 -5.09 7.42 5.17
N CYS A 8 -6.06 6.60 5.48
CA CYS A 8 -6.62 5.76 4.48
C CYS A 8 -7.91 6.35 3.97
N GLN A 9 -7.94 6.60 2.67
CA GLN A 9 -9.11 7.12 1.96
C GLN A 9 -10.21 6.04 1.87
N ARG A 10 -9.83 4.83 2.30
CA ARG A 10 -10.64 3.63 2.29
C ARG A 10 -11.47 3.41 0.98
N PRO A 11 -10.77 3.39 -0.20
CA PRO A 11 -11.42 3.19 -1.49
C PRO A 11 -11.56 1.71 -1.85
N CYS A 12 -12.63 1.37 -2.51
CA CYS A 12 -12.88 0.02 -2.96
C CYS A 12 -13.19 0.07 -4.47
N LYS A 13 -12.46 -0.68 -5.25
CA LYS A 13 -12.70 -0.78 -6.68
C LYS A 13 -12.42 -2.19 -7.13
N ASP A 14 -12.94 -2.52 -8.30
CA ASP A 14 -12.67 -3.82 -8.93
C ASP A 14 -11.36 -3.71 -9.68
N LYS A 15 -10.88 -2.49 -9.78
CA LYS A 15 -9.64 -2.19 -10.46
C LYS A 15 -8.73 -1.35 -9.55
N VAL A 16 -7.98 -2.01 -8.69
CA VAL A 16 -7.03 -1.35 -7.80
C VAL A 16 -6.15 -2.37 -7.05
N ASP A 17 -4.93 -2.48 -7.49
CA ASP A 17 -3.96 -3.35 -6.84
C ASP A 17 -3.47 -2.75 -5.51
N TRP A 18 -3.19 -3.64 -4.58
CA TRP A 18 -2.76 -3.30 -3.23
C TRP A 18 -1.29 -3.62 -3.08
N VAL A 19 -0.63 -3.03 -2.10
CA VAL A 19 0.79 -3.25 -1.88
C VAL A 19 1.04 -3.77 -0.47
N GLN A 20 1.96 -4.68 -0.37
CA GLN A 20 2.35 -5.25 0.92
C GLN A 20 3.77 -4.81 1.25
N CYS A 21 4.02 -4.48 2.50
CA CYS A 21 5.35 -4.08 2.87
C CYS A 21 6.19 -5.28 3.31
N ASP A 22 7.11 -5.68 2.44
CA ASP A 22 8.01 -6.83 2.65
C ASP A 22 9.15 -6.47 3.60
N GLY A 23 8.90 -5.54 4.48
CA GLY A 23 9.88 -5.13 5.42
C GLY A 23 9.70 -5.89 6.74
N GLY A 24 8.47 -6.40 6.99
CA GLY A 24 8.23 -7.15 8.22
C GLY A 24 6.86 -6.91 8.88
N CYS A 25 5.99 -6.09 8.29
CA CYS A 25 4.65 -5.90 8.90
C CYS A 25 3.66 -6.86 8.24
N ASP A 26 3.93 -7.18 6.96
CA ASP A 26 3.07 -8.05 6.12
C ASP A 26 1.69 -7.42 5.86
N GLU A 27 1.58 -6.13 6.09
CA GLU A 27 0.31 -5.45 5.94
C GLU A 27 0.05 -5.07 4.49
N TRP A 28 -1.20 -4.79 4.21
CA TRP A 28 -1.64 -4.40 2.88
C TRP A 28 -2.15 -2.97 2.88
N PHE A 29 -1.58 -2.18 2.03
CA PHE A 29 -1.85 -0.77 1.92
C PHE A 29 -2.48 -0.50 0.55
N HIS A 30 -3.22 0.59 0.42
CA HIS A 30 -3.77 0.99 -0.87
C HIS A 30 -2.77 1.89 -1.53
N GLN A 31 -2.56 1.72 -2.82
CA GLN A 31 -1.62 2.58 -3.53
C GLN A 31 -1.97 4.06 -3.39
N VAL A 32 -3.21 4.41 -3.65
CA VAL A 32 -3.61 5.82 -3.57
C VAL A 32 -3.57 6.36 -2.10
N CYS A 33 -3.95 5.53 -1.14
CA CYS A 33 -4.05 5.98 0.24
C CYS A 33 -2.65 6.10 0.91
N VAL A 34 -1.67 5.34 0.41
CA VAL A 34 -0.35 5.45 0.96
C VAL A 34 0.62 6.16 -0.07
N GLY A 35 0.02 6.72 -1.13
CA GLY A 35 0.78 7.46 -2.14
C GLY A 35 1.77 6.64 -3.02
N VAL A 36 1.38 5.45 -3.42
CA VAL A 36 2.17 4.63 -4.32
C VAL A 36 1.64 4.82 -5.74
N SER A 37 2.52 4.78 -6.70
CA SER A 37 2.14 4.87 -8.06
C SER A 37 2.08 3.45 -8.62
N PRO A 38 1.18 3.17 -9.58
CA PRO A 38 0.98 1.80 -10.13
C PRO A 38 2.27 1.21 -10.71
N GLU A 39 3.15 2.10 -11.12
CA GLU A 39 4.40 1.74 -11.71
C GLU A 39 5.39 1.22 -10.63
N MET A 40 5.24 1.71 -9.38
CA MET A 40 6.15 1.34 -8.30
C MET A 40 5.87 -0.07 -7.83
N ALA A 41 4.59 -0.41 -7.76
CA ALA A 41 4.12 -1.70 -7.25
C ALA A 41 4.74 -2.94 -7.98
N GLU A 42 4.78 -2.90 -9.30
CA GLU A 42 5.33 -4.04 -10.08
C GLU A 42 6.84 -3.96 -10.30
N ASN A 43 7.44 -2.83 -10.04
CA ASN A 43 8.82 -2.67 -10.39
C ASN A 43 9.75 -2.43 -9.22
N GLU A 44 9.24 -1.98 -8.09
CA GLU A 44 10.12 -1.66 -6.95
C GLU A 44 9.54 -2.20 -5.64
N ASP A 45 10.38 -2.28 -4.63
CA ASP A 45 9.98 -2.86 -3.35
C ASP A 45 9.24 -1.85 -2.49
N TYR A 46 7.99 -2.15 -2.13
CA TYR A 46 7.26 -1.31 -1.20
C TYR A 46 7.71 -1.52 0.26
N ILE A 47 8.29 -0.49 0.81
CA ILE A 47 8.65 -0.42 2.20
C ILE A 47 7.69 0.59 2.84
N CYS A 48 7.25 0.37 4.08
CA CYS A 48 6.31 1.30 4.65
C CYS A 48 7.01 2.18 5.65
N ILE A 49 6.29 3.17 6.13
CA ILE A 49 6.76 4.10 7.14
C ILE A 49 7.32 3.39 8.39
N ASN A 50 6.70 2.28 8.79
CA ASN A 50 7.14 1.53 9.98
C ASN A 50 8.34 0.64 9.64
N CYS A 51 8.41 0.20 8.38
CA CYS A 51 9.52 -0.63 7.92
C CYS A 51 10.77 0.21 7.66
N ALA A 52 10.58 1.45 7.26
CA ALA A 52 11.71 2.31 6.93
C ALA A 52 12.38 2.91 8.19
N SER A 1 -14.04 -2.41 5.34
CA SER A 1 -12.69 -2.82 5.80
C SER A 1 -11.70 -1.63 5.76
N VAL A 2 -10.74 -1.60 6.66
CA VAL A 2 -9.76 -0.53 6.71
C VAL A 2 -8.39 -1.18 6.53
N CYS A 3 -7.51 -0.54 5.78
CA CYS A 3 -6.21 -1.13 5.55
C CYS A 3 -5.18 -0.41 6.45
N ALA A 4 -3.92 -0.72 6.26
CA ALA A 4 -2.86 -0.09 7.01
C ALA A 4 -2.33 1.06 6.18
N ALA A 5 -2.40 2.27 6.71
CA ALA A 5 -1.79 3.45 6.09
C ALA A 5 -1.94 4.61 7.02
N GLN A 6 -0.93 5.51 7.04
CA GLN A 6 -1.01 6.77 7.82
C GLN A 6 -2.35 7.50 7.58
N ASN A 7 -2.78 7.46 6.34
CA ASN A 7 -4.05 8.03 5.94
C ASN A 7 -4.74 7.11 4.97
N CYS A 8 -5.69 6.34 5.43
CA CYS A 8 -6.37 5.47 4.52
C CYS A 8 -7.70 6.05 4.08
N GLN A 9 -7.76 6.38 2.80
CA GLN A 9 -8.94 6.93 2.13
C GLN A 9 -10.06 5.89 2.01
N ARG A 10 -9.72 4.63 2.33
CA ARG A 10 -10.62 3.46 2.13
C ARG A 10 -11.30 3.45 0.73
N PRO A 11 -10.50 3.50 -0.38
CA PRO A 11 -11.08 3.49 -1.71
C PRO A 11 -11.59 2.10 -2.05
N CYS A 12 -12.79 2.05 -2.54
CA CYS A 12 -13.43 0.83 -2.89
C CYS A 12 -13.59 0.74 -4.40
N LYS A 13 -12.78 -0.07 -5.01
CA LYS A 13 -12.82 -0.33 -6.42
C LYS A 13 -12.47 -1.78 -6.64
N ASP A 14 -13.11 -2.41 -7.59
CA ASP A 14 -12.78 -3.78 -7.93
C ASP A 14 -11.43 -3.83 -8.55
N LYS A 15 -11.22 -3.06 -9.59
CA LYS A 15 -9.95 -2.99 -10.20
C LYS A 15 -9.07 -1.98 -9.49
N VAL A 16 -8.24 -2.47 -8.58
CA VAL A 16 -7.26 -1.67 -7.88
C VAL A 16 -6.29 -2.56 -7.12
N ASP A 17 -5.07 -2.51 -7.52
CA ASP A 17 -4.02 -3.28 -6.87
C ASP A 17 -3.53 -2.66 -5.56
N TRP A 18 -3.28 -3.53 -4.60
CA TRP A 18 -2.84 -3.19 -3.25
C TRP A 18 -1.38 -3.57 -3.11
N VAL A 19 -0.68 -3.02 -2.14
CA VAL A 19 0.74 -3.31 -1.94
C VAL A 19 0.98 -3.80 -0.51
N GLN A 20 1.80 -4.80 -0.37
CA GLN A 20 2.16 -5.34 0.94
C GLN A 20 3.60 -4.92 1.28
N CYS A 21 3.86 -4.53 2.53
CA CYS A 21 5.22 -4.11 2.90
C CYS A 21 6.07 -5.30 3.39
N ASP A 22 7.09 -5.63 2.62
CA ASP A 22 8.00 -6.78 2.90
C ASP A 22 9.12 -6.36 3.84
N GLY A 23 8.84 -5.37 4.67
CA GLY A 23 9.84 -4.91 5.59
C GLY A 23 9.66 -5.55 6.96
N GLY A 24 8.44 -6.07 7.23
CA GLY A 24 8.20 -6.70 8.53
C GLY A 24 6.74 -6.63 9.03
N CYS A 25 5.90 -5.77 8.43
CA CYS A 25 4.50 -5.68 8.94
C CYS A 25 3.60 -6.68 8.22
N ASP A 26 3.95 -6.98 6.95
CA ASP A 26 3.17 -7.88 6.08
C ASP A 26 1.74 -7.40 5.85
N GLU A 27 1.50 -6.12 6.09
CA GLU A 27 0.16 -5.58 5.94
C GLU A 27 -0.08 -5.07 4.53
N TRP A 28 -1.34 -4.84 4.21
CA TRP A 28 -1.76 -4.40 2.90
C TRP A 28 -2.17 -2.94 2.91
N PHE A 29 -1.57 -2.18 2.01
CA PHE A 29 -1.77 -0.76 1.89
C PHE A 29 -2.36 -0.46 0.52
N HIS A 30 -3.05 0.66 0.39
CA HIS A 30 -3.58 1.10 -0.91
C HIS A 30 -2.56 2.00 -1.53
N GLN A 31 -2.33 1.86 -2.81
CA GLN A 31 -1.37 2.72 -3.51
C GLN A 31 -1.67 4.21 -3.31
N VAL A 32 -2.89 4.61 -3.58
CA VAL A 32 -3.26 6.02 -3.43
C VAL A 32 -3.22 6.48 -1.93
N CYS A 33 -3.64 5.59 -1.04
CA CYS A 33 -3.74 5.95 0.37
C CYS A 33 -2.36 6.05 1.02
N VAL A 34 -1.38 5.34 0.48
CA VAL A 34 -0.06 5.41 1.02
C VAL A 34 0.92 6.11 0.02
N GLY A 35 0.35 6.76 -1.00
CA GLY A 35 1.15 7.51 -2.01
C GLY A 35 2.13 6.69 -2.89
N VAL A 36 1.72 5.51 -3.30
CA VAL A 36 2.48 4.67 -4.24
C VAL A 36 1.94 4.92 -5.66
N SER A 37 2.77 4.84 -6.65
CA SER A 37 2.31 4.92 -8.01
C SER A 37 2.20 3.50 -8.56
N PRO A 38 1.30 3.24 -9.53
CA PRO A 38 1.10 1.88 -10.09
C PRO A 38 2.40 1.23 -10.61
N GLU A 39 3.31 2.06 -11.10
CA GLU A 39 4.59 1.64 -11.61
C GLU A 39 5.48 1.13 -10.47
N MET A 40 5.30 1.74 -9.30
CA MET A 40 6.11 1.46 -8.10
C MET A 40 5.81 0.08 -7.57
N ALA A 41 4.52 -0.28 -7.55
CA ALA A 41 4.04 -1.56 -7.02
C ALA A 41 4.71 -2.77 -7.67
N GLU A 42 4.93 -2.70 -8.97
CA GLU A 42 5.60 -3.79 -9.63
C GLU A 42 7.11 -3.63 -9.70
N ASN A 43 7.57 -2.46 -10.10
CA ASN A 43 9.00 -2.25 -10.31
C ASN A 43 9.87 -2.21 -9.05
N GLU A 44 9.39 -1.61 -7.97
CA GLU A 44 10.27 -1.41 -6.82
C GLU A 44 9.68 -1.98 -5.54
N ASP A 45 10.54 -2.19 -4.55
CA ASP A 45 10.13 -2.79 -3.28
C ASP A 45 9.45 -1.76 -2.42
N TYR A 46 8.20 -1.99 -2.14
CA TYR A 46 7.45 -1.16 -1.27
C TYR A 46 7.84 -1.35 0.22
N ILE A 47 8.32 -0.28 0.80
CA ILE A 47 8.61 -0.22 2.22
C ILE A 47 7.62 0.78 2.83
N CYS A 48 7.07 0.50 4.00
CA CYS A 48 6.02 1.37 4.55
C CYS A 48 6.64 2.34 5.55
N ILE A 49 5.82 3.22 6.10
CA ILE A 49 6.21 4.20 7.08
C ILE A 49 6.87 3.56 8.35
N ASN A 50 6.36 2.41 8.78
CA ASN A 50 6.89 1.73 9.97
C ASN A 50 8.11 0.90 9.63
N CYS A 51 8.16 0.45 8.39
CA CYS A 51 9.31 -0.31 7.92
C CYS A 51 10.48 0.63 7.63
N ALA A 52 10.17 1.88 7.33
CA ALA A 52 11.19 2.87 6.99
C ALA A 52 11.68 3.63 8.22
N SER A 1 -13.60 -3.00 5.53
CA SER A 1 -12.39 -3.00 6.39
C SER A 1 -11.49 -1.78 6.10
N VAL A 2 -10.58 -1.49 7.00
CA VAL A 2 -9.64 -0.41 6.82
C VAL A 2 -8.26 -1.02 6.68
N CYS A 3 -7.49 -0.52 5.73
CA CYS A 3 -6.19 -1.10 5.50
C CYS A 3 -5.16 -0.38 6.40
N ALA A 4 -3.90 -0.71 6.23
CA ALA A 4 -2.86 -0.07 6.96
C ALA A 4 -2.40 1.13 6.15
N ALA A 5 -2.52 2.33 6.69
CA ALA A 5 -2.01 3.56 6.08
C ALA A 5 -2.23 4.70 7.01
N GLN A 6 -1.24 5.63 7.06
CA GLN A 6 -1.31 6.88 7.86
C GLN A 6 -2.66 7.58 7.65
N ASN A 7 -3.05 7.64 6.40
CA ASN A 7 -4.33 8.19 6.00
C ASN A 7 -4.96 7.28 4.99
N CYS A 8 -5.82 6.40 5.42
CA CYS A 8 -6.47 5.54 4.49
C CYS A 8 -7.78 6.14 4.05
N GLN A 9 -7.84 6.44 2.76
CA GLN A 9 -9.02 6.99 2.11
C GLN A 9 -10.11 5.91 1.96
N ARG A 10 -9.70 4.67 2.28
CA ARG A 10 -10.51 3.46 2.18
C ARG A 10 -11.23 3.35 0.79
N PRO A 11 -10.48 3.48 -0.36
CA PRO A 11 -11.09 3.36 -1.67
C PRO A 11 -11.50 1.92 -1.95
N CYS A 12 -12.72 1.76 -2.43
CA CYS A 12 -13.28 0.46 -2.70
C CYS A 12 -13.62 0.33 -4.17
N LYS A 13 -12.83 -0.42 -4.88
CA LYS A 13 -13.04 -0.70 -6.29
C LYS A 13 -12.49 -2.07 -6.55
N ASP A 14 -12.86 -2.65 -7.65
CA ASP A 14 -12.28 -3.91 -8.05
C ASP A 14 -10.98 -3.65 -8.79
N LYS A 15 -11.04 -2.85 -9.85
CA LYS A 15 -9.82 -2.42 -10.53
C LYS A 15 -8.99 -1.46 -9.64
N VAL A 16 -8.19 -2.03 -8.75
CA VAL A 16 -7.27 -1.29 -7.91
C VAL A 16 -6.36 -2.24 -7.10
N ASP A 17 -5.14 -2.34 -7.53
CA ASP A 17 -4.14 -3.16 -6.87
C ASP A 17 -3.63 -2.55 -5.57
N TRP A 18 -3.25 -3.43 -4.66
CA TRP A 18 -2.81 -3.11 -3.30
C TRP A 18 -1.34 -3.48 -3.14
N VAL A 19 -0.68 -2.91 -2.15
CA VAL A 19 0.71 -3.19 -1.91
C VAL A 19 0.91 -3.70 -0.48
N GLN A 20 1.72 -4.70 -0.34
CA GLN A 20 2.08 -5.26 0.97
C GLN A 20 3.49 -4.78 1.31
N CYS A 21 3.73 -4.40 2.57
CA CYS A 21 5.08 -3.97 2.92
C CYS A 21 5.90 -5.15 3.40
N ASP A 22 6.77 -5.61 2.55
CA ASP A 22 7.61 -6.79 2.81
C ASP A 22 8.85 -6.42 3.62
N GLY A 23 8.78 -5.30 4.31
CA GLY A 23 9.88 -4.83 5.10
C GLY A 23 9.78 -5.30 6.53
N GLY A 24 8.65 -5.90 6.92
CA GLY A 24 8.53 -6.37 8.28
C GLY A 24 7.10 -6.42 8.84
N CYS A 25 6.16 -5.62 8.30
CA CYS A 25 4.80 -5.61 8.88
C CYS A 25 3.93 -6.63 8.16
N ASP A 26 4.26 -6.86 6.88
CA ASP A 26 3.50 -7.76 5.98
C ASP A 26 2.03 -7.34 5.85
N GLU A 27 1.77 -6.06 6.06
CA GLU A 27 0.42 -5.52 5.97
C GLU A 27 0.11 -4.96 4.60
N TRP A 28 -1.17 -4.71 4.36
CA TRP A 28 -1.67 -4.26 3.05
C TRP A 28 -2.09 -2.80 3.06
N PHE A 29 -1.57 -2.06 2.08
CA PHE A 29 -1.80 -0.63 1.93
C PHE A 29 -2.40 -0.37 0.54
N HIS A 30 -3.09 0.75 0.39
CA HIS A 30 -3.62 1.16 -0.92
C HIS A 30 -2.64 2.09 -1.56
N GLN A 31 -2.47 1.97 -2.86
CA GLN A 31 -1.52 2.82 -3.57
C GLN A 31 -1.83 4.31 -3.43
N VAL A 32 -3.05 4.71 -3.54
CA VAL A 32 -3.36 6.13 -3.42
C VAL A 32 -3.32 6.58 -1.93
N CYS A 33 -3.79 5.71 -1.06
CA CYS A 33 -3.94 6.05 0.35
C CYS A 33 -2.57 6.16 1.05
N VAL A 34 -1.60 5.36 0.64
CA VAL A 34 -0.30 5.42 1.23
C VAL A 34 0.71 6.11 0.26
N GLY A 35 0.17 6.72 -0.79
CA GLY A 35 1.00 7.40 -1.80
C GLY A 35 2.06 6.52 -2.52
N VAL A 36 1.60 5.56 -3.30
CA VAL A 36 2.43 4.70 -4.12
C VAL A 36 2.04 4.95 -5.57
N SER A 37 2.97 4.83 -6.50
CA SER A 37 2.65 4.96 -7.87
C SER A 37 2.40 3.56 -8.44
N PRO A 38 1.50 3.42 -9.43
CA PRO A 38 1.15 2.10 -10.00
C PRO A 38 2.38 1.34 -10.52
N GLU A 39 3.37 2.09 -10.92
CA GLU A 39 4.60 1.55 -11.45
C GLU A 39 5.48 0.93 -10.37
N MET A 40 5.37 1.43 -9.14
CA MET A 40 6.22 0.96 -8.06
C MET A 40 5.78 -0.42 -7.65
N ALA A 41 4.47 -0.61 -7.64
CA ALA A 41 3.83 -1.83 -7.22
C ALA A 41 4.29 -3.09 -8.04
N GLU A 42 4.66 -2.89 -9.31
CA GLU A 42 5.12 -4.02 -10.15
C GLU A 42 6.64 -4.17 -10.19
N ASN A 43 7.35 -3.16 -9.73
CA ASN A 43 8.79 -3.17 -9.89
C ASN A 43 9.62 -3.18 -8.62
N GLU A 44 9.18 -2.51 -7.57
CA GLU A 44 10.02 -2.38 -6.37
C GLU A 44 9.24 -2.73 -5.11
N ASP A 45 9.95 -3.18 -4.08
CA ASP A 45 9.32 -3.61 -2.83
C ASP A 45 8.79 -2.42 -2.06
N TYR A 46 7.52 -2.48 -1.68
CA TYR A 46 6.96 -1.42 -0.91
C TYR A 46 7.39 -1.45 0.57
N ILE A 47 8.17 -0.49 0.94
CA ILE A 47 8.57 -0.28 2.31
C ILE A 47 7.61 0.78 2.89
N CYS A 48 7.08 0.59 4.09
CA CYS A 48 6.10 1.53 4.60
C CYS A 48 6.76 2.48 5.59
N ILE A 49 5.99 3.40 6.14
CA ILE A 49 6.43 4.34 7.14
C ILE A 49 7.09 3.65 8.37
N ASN A 50 6.48 2.55 8.83
CA ASN A 50 6.98 1.81 9.99
C ASN A 50 8.17 0.96 9.64
N CYS A 51 8.24 0.52 8.37
CA CYS A 51 9.36 -0.28 7.90
C CYS A 51 10.60 0.60 7.65
N ALA A 52 10.37 1.86 7.36
CA ALA A 52 11.47 2.77 7.07
C ALA A 52 12.04 3.37 8.36
N SER A 1 -11.53 -4.17 8.07
CA SER A 1 -12.37 -3.55 7.00
C SER A 1 -11.70 -2.22 6.56
N VAL A 2 -10.55 -1.96 7.17
CA VAL A 2 -9.72 -0.80 6.87
C VAL A 2 -8.30 -1.32 6.68
N CYS A 3 -7.56 -0.79 5.72
CA CYS A 3 -6.21 -1.26 5.47
C CYS A 3 -5.21 -0.51 6.39
N ALA A 4 -3.92 -0.73 6.19
CA ALA A 4 -2.91 -0.05 6.93
C ALA A 4 -2.41 1.14 6.11
N ALA A 5 -2.49 2.33 6.67
CA ALA A 5 -1.90 3.54 6.07
C ALA A 5 -2.00 4.69 7.04
N GLN A 6 -0.95 5.53 7.09
CA GLN A 6 -0.94 6.79 7.89
C GLN A 6 -2.24 7.63 7.65
N ASN A 7 -2.80 7.46 6.46
CA ASN A 7 -4.08 8.05 6.10
C ASN A 7 -4.75 7.21 5.04
N CYS A 8 -5.74 6.46 5.42
CA CYS A 8 -6.42 5.65 4.47
C CYS A 8 -7.72 6.27 4.03
N GLN A 9 -7.84 6.44 2.74
CA GLN A 9 -9.03 6.99 2.08
C GLN A 9 -10.14 5.93 2.02
N ARG A 10 -9.76 4.71 2.42
CA ARG A 10 -10.60 3.50 2.39
C ARG A 10 -11.31 3.31 0.99
N PRO A 11 -10.56 3.41 -0.15
CA PRO A 11 -11.16 3.29 -1.48
C PRO A 11 -11.43 1.85 -1.85
N CYS A 12 -12.54 1.63 -2.51
CA CYS A 12 -12.92 0.30 -2.90
C CYS A 12 -13.39 0.28 -4.36
N LYS A 13 -12.66 -0.45 -5.17
CA LYS A 13 -13.00 -0.68 -6.55
C LYS A 13 -12.71 -2.11 -6.87
N ASP A 14 -13.33 -2.65 -7.91
CA ASP A 14 -13.03 -4.00 -8.36
C ASP A 14 -11.77 -3.97 -9.22
N LYS A 15 -11.28 -2.76 -9.43
CA LYS A 15 -10.11 -2.51 -10.23
C LYS A 15 -9.14 -1.65 -9.43
N VAL A 16 -8.32 -2.28 -8.62
CA VAL A 16 -7.30 -1.61 -7.83
C VAL A 16 -6.45 -2.62 -7.07
N ASP A 17 -5.24 -2.69 -7.49
CA ASP A 17 -4.22 -3.52 -6.86
C ASP A 17 -3.75 -2.95 -5.51
N TRP A 18 -3.17 -3.81 -4.70
CA TRP A 18 -2.77 -3.51 -3.33
C TRP A 18 -1.30 -3.84 -3.13
N VAL A 19 -0.68 -3.25 -2.13
CA VAL A 19 0.74 -3.48 -1.89
C VAL A 19 0.97 -3.86 -0.43
N GLN A 20 1.80 -4.85 -0.24
CA GLN A 20 2.17 -5.31 1.09
C GLN A 20 3.55 -4.76 1.44
N CYS A 21 3.77 -4.33 2.68
CA CYS A 21 5.10 -3.89 3.04
C CYS A 21 5.93 -5.06 3.52
N ASP A 22 6.80 -5.50 2.66
CA ASP A 22 7.65 -6.70 2.89
C ASP A 22 8.86 -6.36 3.73
N GLY A 23 8.76 -5.28 4.45
CA GLY A 23 9.84 -4.85 5.28
C GLY A 23 9.71 -5.37 6.70
N GLY A 24 8.53 -5.89 7.06
CA GLY A 24 8.39 -6.42 8.41
C GLY A 24 6.99 -6.35 9.03
N CYS A 25 6.08 -5.53 8.47
CA CYS A 25 4.73 -5.45 9.10
C CYS A 25 3.80 -6.49 8.45
N ASP A 26 4.08 -6.79 7.16
CA ASP A 26 3.26 -7.70 6.33
C ASP A 26 1.82 -7.21 6.17
N GLU A 27 1.63 -5.92 6.35
CA GLU A 27 0.33 -5.32 6.22
C GLU A 27 0.06 -4.90 4.78
N TRP A 28 -1.21 -4.70 4.47
CA TRP A 28 -1.65 -4.35 3.13
C TRP A 28 -2.12 -2.91 3.05
N PHE A 29 -1.57 -2.18 2.11
CA PHE A 29 -1.84 -0.77 1.93
C PHE A 29 -2.47 -0.55 0.55
N HIS A 30 -3.14 0.58 0.40
CA HIS A 30 -3.70 0.98 -0.92
C HIS A 30 -2.70 1.86 -1.60
N GLN A 31 -2.47 1.62 -2.86
CA GLN A 31 -1.54 2.44 -3.65
C GLN A 31 -1.88 3.93 -3.61
N VAL A 32 -3.15 4.27 -3.63
CA VAL A 32 -3.53 5.67 -3.55
C VAL A 32 -3.41 6.23 -2.10
N CYS A 33 -3.85 5.43 -1.13
CA CYS A 33 -3.94 5.88 0.24
C CYS A 33 -2.55 6.03 0.87
N VAL A 34 -1.59 5.22 0.45
CA VAL A 34 -0.29 5.32 1.00
C VAL A 34 0.67 6.03 0.00
N GLY A 35 0.09 6.62 -1.05
CA GLY A 35 0.87 7.31 -2.07
C GLY A 35 1.94 6.47 -2.81
N VAL A 36 1.52 5.43 -3.46
CA VAL A 36 2.38 4.61 -4.28
C VAL A 36 2.03 4.88 -5.74
N SER A 37 3.00 4.83 -6.60
CA SER A 37 2.77 5.04 -7.98
C SER A 37 2.69 3.66 -8.66
N PRO A 38 2.02 3.55 -9.82
CA PRO A 38 1.95 2.28 -10.56
C PRO A 38 3.35 1.76 -10.93
N GLU A 39 4.31 2.69 -11.03
CA GLU A 39 5.65 2.35 -11.40
C GLU A 39 6.35 1.60 -10.26
N MET A 40 6.00 1.96 -9.01
CA MET A 40 6.63 1.34 -7.86
C MET A 40 6.08 -0.07 -7.63
N ALA A 41 4.77 -0.19 -7.66
CA ALA A 41 4.08 -1.45 -7.36
C ALA A 41 4.51 -2.60 -8.27
N GLU A 42 4.58 -2.33 -9.54
CA GLU A 42 4.92 -3.36 -10.51
C GLU A 42 6.42 -3.64 -10.57
N ASN A 43 7.25 -2.73 -10.08
CA ASN A 43 8.69 -2.89 -10.24
C ASN A 43 9.50 -3.06 -8.96
N GLU A 44 9.09 -2.48 -7.84
CA GLU A 44 9.97 -2.50 -6.66
C GLU A 44 9.25 -2.93 -5.37
N ASP A 45 10.06 -3.22 -4.39
CA ASP A 45 9.62 -3.71 -3.08
C ASP A 45 9.04 -2.57 -2.26
N TYR A 46 7.76 -2.68 -1.92
CA TYR A 46 7.11 -1.68 -1.10
C TYR A 46 7.52 -1.73 0.40
N ILE A 47 8.13 -0.65 0.83
CA ILE A 47 8.50 -0.44 2.22
C ILE A 47 7.53 0.62 2.76
N CYS A 48 7.18 0.57 4.04
CA CYS A 48 6.22 1.54 4.56
C CYS A 48 6.94 2.48 5.52
N ILE A 49 6.21 3.46 6.03
CA ILE A 49 6.70 4.41 7.00
C ILE A 49 7.30 3.73 8.27
N ASN A 50 6.65 2.68 8.74
CA ASN A 50 7.10 1.95 9.94
C ASN A 50 8.29 1.06 9.61
N CYS A 51 8.32 0.54 8.39
CA CYS A 51 9.44 -0.27 7.93
C CYS A 51 10.65 0.61 7.63
N ALA A 52 10.39 1.88 7.31
CA ALA A 52 11.46 2.81 6.97
C ALA A 52 11.98 3.54 8.22
N SER A 1 -13.58 -2.88 6.85
CA SER A 1 -12.26 -3.22 6.24
C SER A 1 -11.44 -1.94 5.98
N VAL A 2 -10.49 -1.67 6.86
CA VAL A 2 -9.62 -0.52 6.73
C VAL A 2 -8.21 -1.06 6.62
N CYS A 3 -7.40 -0.49 5.77
CA CYS A 3 -6.07 -1.01 5.58
C CYS A 3 -5.06 -0.24 6.46
N ALA A 4 -3.79 -0.51 6.26
CA ALA A 4 -2.73 0.15 6.98
C ALA A 4 -2.28 1.38 6.18
N ALA A 5 -2.40 2.55 6.79
CA ALA A 5 -1.88 3.81 6.26
C ALA A 5 -2.15 4.88 7.27
N GLN A 6 -1.25 5.86 7.37
CA GLN A 6 -1.43 7.04 8.23
C GLN A 6 -2.82 7.66 8.02
N ASN A 7 -3.23 7.75 6.78
CA ASN A 7 -4.58 8.19 6.46
C ASN A 7 -5.12 7.38 5.32
N CYS A 8 -5.94 6.39 5.64
CA CYS A 8 -6.50 5.59 4.62
C CYS A 8 -7.83 6.15 4.16
N GLN A 9 -7.88 6.47 2.89
CA GLN A 9 -9.06 7.01 2.23
C GLN A 9 -10.17 5.95 2.08
N ARG A 10 -9.79 4.71 2.42
CA ARG A 10 -10.62 3.50 2.30
C ARG A 10 -11.27 3.38 0.88
N PRO A 11 -10.44 3.45 -0.22
CA PRO A 11 -10.97 3.33 -1.58
C PRO A 11 -11.36 1.91 -1.89
N CYS A 12 -12.54 1.76 -2.43
CA CYS A 12 -13.05 0.46 -2.78
C CYS A 12 -13.46 0.44 -4.25
N LYS A 13 -12.70 -0.29 -5.04
CA LYS A 13 -13.01 -0.51 -6.44
C LYS A 13 -12.74 -1.95 -6.72
N ASP A 14 -13.37 -2.49 -7.73
CA ASP A 14 -13.19 -3.89 -8.10
C ASP A 14 -11.79 -4.11 -8.64
N LYS A 15 -11.39 -3.29 -9.58
CA LYS A 15 -10.08 -3.40 -10.16
C LYS A 15 -9.16 -2.31 -9.61
N VAL A 16 -8.45 -2.66 -8.55
CA VAL A 16 -7.47 -1.79 -7.92
C VAL A 16 -6.42 -2.59 -7.13
N ASP A 17 -5.19 -2.36 -7.49
CA ASP A 17 -4.03 -2.98 -6.85
C ASP A 17 -3.78 -2.48 -5.43
N TRP A 18 -3.09 -3.31 -4.68
CA TRP A 18 -2.75 -3.09 -3.28
C TRP A 18 -1.28 -3.40 -3.11
N VAL A 19 -0.67 -2.90 -2.05
CA VAL A 19 0.73 -3.15 -1.80
C VAL A 19 0.96 -3.61 -0.37
N GLN A 20 1.68 -4.66 -0.22
CA GLN A 20 2.07 -5.16 1.07
C GLN A 20 3.47 -4.69 1.35
N CYS A 21 3.75 -4.27 2.57
CA CYS A 21 5.10 -3.88 2.87
C CYS A 21 5.92 -5.08 3.31
N ASP A 22 6.81 -5.51 2.45
CA ASP A 22 7.66 -6.69 2.68
C ASP A 22 8.86 -6.35 3.53
N GLY A 23 8.73 -5.29 4.28
CA GLY A 23 9.79 -4.87 5.12
C GLY A 23 9.66 -5.48 6.51
N GLY A 24 8.51 -6.11 6.80
CA GLY A 24 8.35 -6.75 8.09
C GLY A 24 6.98 -6.59 8.75
N CYS A 25 6.12 -5.68 8.27
CA CYS A 25 4.80 -5.52 8.93
C CYS A 25 3.81 -6.49 8.30
N ASP A 26 4.08 -6.81 7.02
CA ASP A 26 3.24 -7.69 6.19
C ASP A 26 1.83 -7.15 6.04
N GLU A 27 1.66 -5.85 6.26
CA GLU A 27 0.35 -5.25 6.14
C GLU A 27 0.08 -4.78 4.73
N TRP A 28 -1.18 -4.53 4.46
CA TRP A 28 -1.67 -4.16 3.16
C TRP A 28 -2.07 -2.69 3.12
N PHE A 29 -1.54 -2.00 2.12
CA PHE A 29 -1.76 -0.58 1.93
C PHE A 29 -2.39 -0.36 0.56
N HIS A 30 -3.04 0.76 0.39
CA HIS A 30 -3.58 1.18 -0.91
C HIS A 30 -2.61 2.11 -1.53
N GLN A 31 -2.40 2.01 -2.83
CA GLN A 31 -1.47 2.89 -3.52
C GLN A 31 -1.83 4.36 -3.34
N VAL A 32 -3.06 4.73 -3.49
CA VAL A 32 -3.44 6.13 -3.34
C VAL A 32 -3.36 6.60 -1.87
N CYS A 33 -3.80 5.74 -0.96
CA CYS A 33 -3.90 6.11 0.43
C CYS A 33 -2.51 6.24 1.08
N VAL A 34 -1.54 5.43 0.65
CA VAL A 34 -0.23 5.51 1.21
C VAL A 34 0.75 6.23 0.22
N GLY A 35 0.16 6.82 -0.82
CA GLY A 35 0.95 7.54 -1.84
C GLY A 35 2.00 6.70 -2.61
N VAL A 36 1.55 5.69 -3.31
CA VAL A 36 2.38 4.85 -4.17
C VAL A 36 1.88 5.05 -5.59
N SER A 37 2.76 4.95 -6.55
CA SER A 37 2.38 5.05 -7.92
C SER A 37 2.29 3.64 -8.50
N PRO A 38 1.40 3.40 -9.50
CA PRO A 38 1.21 2.06 -10.11
C PRO A 38 2.51 1.45 -10.61
N GLU A 39 3.43 2.31 -11.02
CA GLU A 39 4.69 1.93 -11.55
C GLU A 39 5.59 1.31 -10.45
N MET A 40 5.43 1.78 -9.22
CA MET A 40 6.26 1.30 -8.13
C MET A 40 5.83 -0.09 -7.72
N ALA A 41 4.51 -0.28 -7.64
CA ALA A 41 3.91 -1.54 -7.18
C ALA A 41 4.34 -2.77 -7.98
N GLU A 42 4.42 -2.63 -9.29
CA GLU A 42 4.82 -3.78 -10.13
C GLU A 42 6.35 -3.92 -10.28
N ASN A 43 7.11 -2.91 -9.91
CA ASN A 43 8.56 -2.94 -10.14
C ASN A 43 9.43 -3.00 -8.88
N GLU A 44 9.02 -2.36 -7.80
CA GLU A 44 9.87 -2.29 -6.63
C GLU A 44 9.12 -2.70 -5.38
N ASP A 45 9.82 -3.36 -4.48
CA ASP A 45 9.26 -3.87 -3.24
C ASP A 45 8.95 -2.71 -2.28
N TYR A 46 7.67 -2.54 -1.98
CA TYR A 46 7.20 -1.45 -1.15
C TYR A 46 7.59 -1.57 0.34
N ILE A 47 8.32 -0.56 0.79
CA ILE A 47 8.68 -0.38 2.17
C ILE A 47 7.75 0.70 2.74
N CYS A 48 7.25 0.55 3.97
CA CYS A 48 6.32 1.52 4.50
C CYS A 48 7.03 2.46 5.47
N ILE A 49 6.29 3.42 6.00
CA ILE A 49 6.78 4.38 6.98
C ILE A 49 7.38 3.67 8.24
N ASN A 50 6.74 2.59 8.69
CA ASN A 50 7.21 1.84 9.87
C ASN A 50 8.44 1.01 9.54
N CYS A 51 8.45 0.45 8.34
CA CYS A 51 9.57 -0.34 7.87
C CYS A 51 10.79 0.55 7.61
N ALA A 52 10.54 1.80 7.30
CA ALA A 52 11.62 2.72 6.97
C ALA A 52 12.24 3.33 8.24
N SER A 1 -13.89 -2.81 6.35
CA SER A 1 -12.48 -3.13 6.68
C SER A 1 -11.58 -1.90 6.45
N VAL A 2 -10.51 -1.81 7.23
CA VAL A 2 -9.59 -0.69 7.18
C VAL A 2 -8.20 -1.25 6.92
N CYS A 3 -7.49 -0.69 5.95
CA CYS A 3 -6.17 -1.21 5.63
C CYS A 3 -5.14 -0.45 6.49
N ALA A 4 -3.88 -0.72 6.26
CA ALA A 4 -2.84 -0.05 6.98
C ALA A 4 -2.33 1.13 6.15
N ALA A 5 -2.39 2.30 6.71
CA ALA A 5 -1.82 3.51 6.14
C ALA A 5 -2.00 4.64 7.12
N GLN A 6 -1.08 5.61 7.08
CA GLN A 6 -1.18 6.86 7.87
C GLN A 6 -2.60 7.47 7.74
N ASN A 7 -3.10 7.47 6.54
CA ASN A 7 -4.44 7.94 6.25
C ASN A 7 -5.08 7.06 5.21
N CYS A 8 -6.03 6.25 5.61
CA CYS A 8 -6.65 5.38 4.67
C CYS A 8 -8.00 5.91 4.24
N GLN A 9 -8.09 6.20 2.96
CA GLN A 9 -9.30 6.70 2.28
C GLN A 9 -10.34 5.56 2.11
N ARG A 10 -9.87 4.35 2.37
CA ARG A 10 -10.60 3.09 2.18
C ARG A 10 -11.28 2.95 0.79
N PRO A 11 -10.55 3.12 -0.33
CA PRO A 11 -11.12 2.97 -1.67
C PRO A 11 -11.28 1.49 -2.04
N CYS A 12 -12.39 1.16 -2.69
CA CYS A 12 -12.66 -0.21 -3.10
C CYS A 12 -13.13 -0.24 -4.54
N LYS A 13 -12.35 -0.87 -5.42
CA LYS A 13 -12.68 -1.00 -6.85
C LYS A 13 -12.11 -2.30 -7.41
N ASP A 14 -12.68 -2.79 -8.50
CA ASP A 14 -12.20 -4.03 -9.19
C ASP A 14 -10.84 -3.80 -9.85
N LYS A 15 -10.46 -2.56 -9.99
CA LYS A 15 -9.28 -2.22 -10.77
C LYS A 15 -8.19 -1.56 -9.93
N VAL A 16 -8.25 -1.73 -8.62
CA VAL A 16 -7.24 -1.13 -7.76
C VAL A 16 -6.39 -2.18 -7.04
N ASP A 17 -5.18 -2.31 -7.51
CA ASP A 17 -4.18 -3.18 -6.90
C ASP A 17 -3.64 -2.62 -5.56
N TRP A 18 -3.29 -3.53 -4.66
CA TRP A 18 -2.86 -3.23 -3.29
C TRP A 18 -1.40 -3.57 -3.10
N VAL A 19 -0.77 -2.99 -2.10
CA VAL A 19 0.64 -3.20 -1.87
C VAL A 19 0.90 -3.67 -0.45
N GLN A 20 1.68 -4.69 -0.31
CA GLN A 20 2.08 -5.20 0.99
C GLN A 20 3.47 -4.67 1.29
N CYS A 21 3.73 -4.25 2.52
CA CYS A 21 5.06 -3.73 2.80
C CYS A 21 6.06 -4.85 3.12
N ASP A 22 6.98 -5.07 2.19
CA ASP A 22 7.99 -6.15 2.25
C ASP A 22 9.12 -5.82 3.21
N GLY A 23 8.89 -4.90 4.10
CA GLY A 23 9.91 -4.51 5.03
C GLY A 23 9.81 -5.29 6.34
N GLY A 24 8.64 -5.89 6.61
CA GLY A 24 8.52 -6.67 7.83
C GLY A 24 7.17 -6.56 8.57
N CYS A 25 6.26 -5.67 8.14
CA CYS A 25 4.97 -5.55 8.87
C CYS A 25 3.96 -6.54 8.27
N ASP A 26 4.19 -6.88 6.99
CA ASP A 26 3.30 -7.76 6.20
C ASP A 26 1.89 -7.20 6.04
N GLU A 27 1.73 -5.91 6.29
CA GLU A 27 0.43 -5.29 6.18
C GLU A 27 0.13 -4.85 4.75
N TRP A 28 -1.14 -4.67 4.46
CA TRP A 28 -1.62 -4.29 3.13
C TRP A 28 -2.06 -2.84 3.12
N PHE A 29 -1.51 -2.10 2.20
CA PHE A 29 -1.75 -0.68 2.07
C PHE A 29 -2.38 -0.42 0.67
N HIS A 30 -3.05 0.71 0.53
CA HIS A 30 -3.59 1.13 -0.78
C HIS A 30 -2.64 2.08 -1.45
N GLN A 31 -2.41 1.89 -2.72
CA GLN A 31 -1.54 2.77 -3.48
C GLN A 31 -1.95 4.25 -3.39
N VAL A 32 -3.23 4.52 -3.42
CA VAL A 32 -3.68 5.91 -3.29
C VAL A 32 -3.61 6.42 -1.82
N CYS A 33 -3.95 5.57 -0.88
CA CYS A 33 -4.04 5.97 0.51
C CYS A 33 -2.64 6.14 1.16
N VAL A 34 -1.64 5.38 0.69
CA VAL A 34 -0.33 5.52 1.22
C VAL A 34 0.58 6.29 0.22
N GLY A 35 -0.01 6.71 -0.88
CA GLY A 35 0.73 7.37 -1.95
C GLY A 35 1.84 6.52 -2.62
N VAL A 36 1.42 5.60 -3.47
CA VAL A 36 2.28 4.75 -4.27
C VAL A 36 1.80 4.88 -5.69
N SER A 37 2.68 4.78 -6.66
CA SER A 37 2.29 4.82 -8.02
C SER A 37 2.24 3.38 -8.55
N PRO A 38 1.38 3.08 -9.55
CA PRO A 38 1.21 1.70 -10.08
C PRO A 38 2.54 1.11 -10.56
N GLU A 39 3.47 1.99 -10.91
CA GLU A 39 4.76 1.62 -11.43
C GLU A 39 5.65 1.06 -10.29
N MET A 40 5.47 1.59 -9.08
CA MET A 40 6.30 1.19 -7.96
C MET A 40 5.90 -0.19 -7.50
N ALA A 41 4.60 -0.42 -7.47
CA ALA A 41 4.03 -1.69 -7.04
C ALA A 41 4.53 -2.86 -7.89
N GLU A 42 4.58 -2.65 -9.19
CA GLU A 42 4.98 -3.70 -10.12
C GLU A 42 6.49 -3.84 -10.28
N ASN A 43 7.23 -2.80 -9.97
CA ASN A 43 8.65 -2.83 -10.21
C ASN A 43 9.53 -2.90 -8.95
N GLU A 44 9.09 -2.39 -7.82
CA GLU A 44 9.98 -2.35 -6.65
C GLU A 44 9.32 -2.87 -5.38
N ASP A 45 10.12 -3.13 -4.36
CA ASP A 45 9.62 -3.67 -3.09
C ASP A 45 9.07 -2.52 -2.23
N TYR A 46 7.78 -2.53 -1.97
CA TYR A 46 7.12 -1.50 -1.17
C TYR A 46 7.53 -1.51 0.33
N ILE A 47 8.20 -0.45 0.72
CA ILE A 47 8.59 -0.22 2.10
C ILE A 47 7.61 0.80 2.68
N CYS A 48 7.19 0.64 3.93
CA CYS A 48 6.22 1.57 4.48
C CYS A 48 6.91 2.47 5.49
N ILE A 49 6.14 3.38 6.05
CA ILE A 49 6.59 4.31 7.08
C ILE A 49 7.21 3.58 8.31
N ASN A 50 6.58 2.47 8.75
CA ASN A 50 7.07 1.72 9.93
C ASN A 50 8.28 0.86 9.54
N CYS A 51 8.36 0.51 8.26
CA CYS A 51 9.48 -0.26 7.74
C CYS A 51 10.70 0.63 7.54
N ALA A 52 10.47 1.88 7.31
CA ALA A 52 11.55 2.80 7.02
C ALA A 52 12.21 3.35 8.30
N SER A 1 -11.87 -4.24 7.00
CA SER A 1 -12.60 -3.15 6.28
C SER A 1 -11.70 -1.90 6.13
N VAL A 2 -10.67 -1.82 6.93
CA VAL A 2 -9.75 -0.72 6.90
C VAL A 2 -8.37 -1.31 6.69
N CYS A 3 -7.59 -0.73 5.79
CA CYS A 3 -6.27 -1.28 5.52
C CYS A 3 -5.25 -0.55 6.42
N ALA A 4 -3.98 -0.84 6.22
CA ALA A 4 -2.94 -0.17 6.96
C ALA A 4 -2.45 1.01 6.14
N ALA A 5 -2.57 2.20 6.69
CA ALA A 5 -2.02 3.44 6.11
C ALA A 5 -2.31 4.57 7.04
N GLN A 6 -1.36 5.50 7.17
CA GLN A 6 -1.49 6.70 8.04
C GLN A 6 -2.84 7.39 7.81
N ASN A 7 -3.18 7.53 6.57
CA ASN A 7 -4.44 8.09 6.16
C ASN A 7 -5.06 7.19 5.13
N CYS A 8 -5.93 6.29 5.56
CA CYS A 8 -6.53 5.41 4.62
C CYS A 8 -7.84 5.95 4.13
N GLN A 9 -7.92 6.09 2.84
CA GLN A 9 -9.07 6.64 2.14
C GLN A 9 -10.15 5.56 1.96
N ARG A 10 -9.78 4.30 2.23
CA ARG A 10 -10.67 3.13 2.02
C ARG A 10 -11.32 3.02 0.60
N PRO A 11 -10.56 3.25 -0.52
CA PRO A 11 -11.11 3.11 -1.87
C PRO A 11 -11.24 1.63 -2.25
N CYS A 12 -12.28 1.29 -2.96
CA CYS A 12 -12.52 -0.08 -3.37
C CYS A 12 -12.98 -0.12 -4.83
N LYS A 13 -12.15 -0.68 -5.69
CA LYS A 13 -12.47 -0.84 -7.11
C LYS A 13 -11.92 -2.17 -7.59
N ASP A 14 -12.56 -2.75 -8.60
CA ASP A 14 -12.12 -4.03 -9.19
C ASP A 14 -10.81 -3.91 -9.96
N LYS A 15 -10.30 -2.70 -10.07
CA LYS A 15 -9.09 -2.46 -10.84
C LYS A 15 -7.98 -1.84 -10.00
N VAL A 16 -8.16 -1.76 -8.70
CA VAL A 16 -7.16 -1.15 -7.85
C VAL A 16 -6.32 -2.19 -7.10
N ASP A 17 -5.11 -2.33 -7.54
CA ASP A 17 -4.13 -3.22 -6.91
C ASP A 17 -3.60 -2.63 -5.58
N TRP A 18 -3.28 -3.53 -4.64
CA TRP A 18 -2.88 -3.20 -3.28
C TRP A 18 -1.41 -3.58 -3.08
N VAL A 19 -0.76 -3.00 -2.10
CA VAL A 19 0.65 -3.26 -1.88
C VAL A 19 0.88 -3.77 -0.46
N GLN A 20 1.64 -4.82 -0.34
CA GLN A 20 1.99 -5.38 0.96
C GLN A 20 3.41 -4.93 1.29
N CYS A 21 3.66 -4.56 2.54
CA CYS A 21 4.99 -4.14 2.88
C CYS A 21 5.83 -5.32 3.36
N ASP A 22 6.77 -5.73 2.52
CA ASP A 22 7.63 -6.90 2.78
C ASP A 22 8.84 -6.52 3.59
N GLY A 23 8.72 -5.43 4.30
CA GLY A 23 9.78 -4.96 5.14
C GLY A 23 9.66 -5.57 6.53
N GLY A 24 8.49 -6.16 6.84
CA GLY A 24 8.34 -6.79 8.13
C GLY A 24 6.95 -6.70 8.77
N CYS A 25 6.02 -5.90 8.24
CA CYS A 25 4.67 -5.81 8.89
C CYS A 25 3.71 -6.82 8.26
N ASP A 26 3.97 -7.14 6.98
CA ASP A 26 3.13 -8.02 6.14
C ASP A 26 1.72 -7.47 5.96
N GLU A 27 1.56 -6.19 6.23
CA GLU A 27 0.27 -5.55 6.13
C GLU A 27 0.00 -5.02 4.72
N TRP A 28 -1.26 -4.77 4.42
CA TRP A 28 -1.72 -4.33 3.10
C TRP A 28 -2.12 -2.87 3.10
N PHE A 29 -1.54 -2.14 2.17
CA PHE A 29 -1.77 -0.74 2.02
C PHE A 29 -2.37 -0.48 0.64
N HIS A 30 -3.08 0.61 0.50
CA HIS A 30 -3.61 1.02 -0.81
C HIS A 30 -2.61 1.90 -1.45
N GLN A 31 -2.42 1.74 -2.74
CA GLN A 31 -1.50 2.62 -3.47
C GLN A 31 -1.85 4.08 -3.27
N VAL A 32 -3.09 4.45 -3.50
CA VAL A 32 -3.49 5.84 -3.38
C VAL A 32 -3.44 6.34 -1.90
N CYS A 33 -3.86 5.49 -0.99
CA CYS A 33 -3.96 5.88 0.40
C CYS A 33 -2.57 6.02 1.05
N VAL A 34 -1.56 5.32 0.51
CA VAL A 34 -0.24 5.46 1.03
C VAL A 34 0.70 6.19 0.00
N GLY A 35 0.09 6.75 -1.03
CA GLY A 35 0.83 7.50 -2.07
C GLY A 35 1.81 6.70 -2.96
N VAL A 36 1.45 5.51 -3.36
CA VAL A 36 2.24 4.72 -4.26
C VAL A 36 1.77 4.96 -5.69
N SER A 37 2.66 4.89 -6.64
CA SER A 37 2.30 5.01 -8.00
C SER A 37 2.23 3.59 -8.58
N PRO A 38 1.33 3.32 -9.54
CA PRO A 38 1.12 1.97 -10.10
C PRO A 38 2.41 1.28 -10.57
N GLU A 39 3.37 2.05 -11.04
CA GLU A 39 4.60 1.54 -11.54
C GLU A 39 5.54 1.05 -10.43
N MET A 40 5.39 1.60 -9.24
CA MET A 40 6.24 1.21 -8.11
C MET A 40 5.86 -0.17 -7.63
N ALA A 41 4.55 -0.42 -7.63
CA ALA A 41 3.99 -1.68 -7.14
C ALA A 41 4.59 -2.91 -7.88
N GLU A 42 4.71 -2.83 -9.19
CA GLU A 42 5.25 -3.96 -10.00
C GLU A 42 6.76 -3.93 -10.21
N ASN A 43 7.42 -2.84 -9.89
CA ASN A 43 8.85 -2.75 -10.15
C ASN A 43 9.71 -2.68 -8.89
N GLU A 44 9.18 -2.17 -7.81
CA GLU A 44 9.97 -1.97 -6.62
C GLU A 44 9.28 -2.59 -5.42
N ASP A 45 10.05 -3.01 -4.46
CA ASP A 45 9.54 -3.63 -3.26
C ASP A 45 9.03 -2.56 -2.30
N TYR A 46 7.72 -2.57 -2.04
CA TYR A 46 7.08 -1.61 -1.16
C TYR A 46 7.51 -1.72 0.34
N ILE A 47 8.16 -0.67 0.78
CA ILE A 47 8.51 -0.48 2.15
C ILE A 47 7.53 0.55 2.72
N CYS A 48 7.07 0.39 3.96
CA CYS A 48 6.09 1.32 4.48
C CYS A 48 6.76 2.24 5.49
N ILE A 49 5.97 3.14 6.05
CA ILE A 49 6.42 4.07 7.09
C ILE A 49 7.01 3.33 8.32
N ASN A 50 6.34 2.26 8.75
CA ASN A 50 6.77 1.48 9.93
C ASN A 50 7.97 0.61 9.60
N CYS A 51 8.08 0.20 8.33
CA CYS A 51 9.22 -0.58 7.87
C CYS A 51 10.45 0.30 7.69
N ALA A 52 10.22 1.55 7.45
CA ALA A 52 11.31 2.48 7.19
C ALA A 52 11.90 3.04 8.49
N SER A 1 -11.83 -3.81 6.57
CA SER A 1 -12.49 -2.75 5.76
C SER A 1 -11.57 -1.52 5.64
N VAL A 2 -10.56 -1.48 6.49
CA VAL A 2 -9.60 -0.40 6.52
C VAL A 2 -8.22 -1.04 6.48
N CYS A 3 -7.31 -0.50 5.71
CA CYS A 3 -6.02 -1.14 5.60
C CYS A 3 -5.00 -0.43 6.49
N ALA A 4 -3.76 -0.81 6.36
CA ALA A 4 -2.71 -0.21 7.11
C ALA A 4 -2.20 0.97 6.33
N ALA A 5 -2.24 2.14 6.93
CA ALA A 5 -1.64 3.35 6.35
C ALA A 5 -1.75 4.46 7.33
N GLN A 6 -0.73 5.35 7.38
CA GLN A 6 -0.74 6.57 8.21
C GLN A 6 -2.09 7.31 8.01
N ASN A 7 -2.51 7.36 6.79
CA ASN A 7 -3.80 7.92 6.45
C ASN A 7 -4.48 7.00 5.43
N CYS A 8 -5.36 6.15 5.90
CA CYS A 8 -6.02 5.28 5.01
C CYS A 8 -7.36 5.88 4.57
N GLN A 9 -7.83 5.43 3.45
CA GLN A 9 -9.04 5.89 2.84
C GLN A 9 -10.00 4.74 2.73
N ARG A 10 -11.21 5.03 2.32
CA ARG A 10 -12.27 4.01 2.15
C ARG A 10 -12.72 3.91 0.66
N PRO A 11 -11.79 3.50 -0.26
CA PRO A 11 -12.09 3.36 -1.68
C PRO A 11 -12.63 1.96 -2.01
N CYS A 12 -13.52 1.91 -2.97
CA CYS A 12 -14.10 0.66 -3.39
C CYS A 12 -14.03 0.55 -4.91
N LYS A 13 -13.14 -0.32 -5.38
CA LYS A 13 -12.95 -0.63 -6.79
C LYS A 13 -12.40 -2.03 -6.90
N ASP A 14 -12.61 -2.64 -8.04
CA ASP A 14 -11.99 -3.93 -8.32
C ASP A 14 -10.64 -3.66 -8.93
N LYS A 15 -10.64 -2.81 -9.96
CA LYS A 15 -9.43 -2.37 -10.63
C LYS A 15 -8.66 -1.38 -9.75
N VAL A 16 -7.92 -1.93 -8.79
CA VAL A 16 -7.07 -1.17 -7.91
C VAL A 16 -6.11 -2.08 -7.17
N ASP A 17 -4.92 -2.08 -7.64
CA ASP A 17 -3.82 -2.86 -7.08
C ASP A 17 -3.39 -2.35 -5.69
N TRP A 18 -3.13 -3.29 -4.78
CA TRP A 18 -2.75 -3.03 -3.38
C TRP A 18 -1.27 -3.35 -3.20
N VAL A 19 -0.64 -2.82 -2.16
CA VAL A 19 0.79 -3.06 -1.95
C VAL A 19 1.05 -3.58 -0.53
N GLN A 20 1.83 -4.62 -0.44
CA GLN A 20 2.24 -5.17 0.85
C GLN A 20 3.64 -4.69 1.17
N CYS A 21 3.88 -4.33 2.42
CA CYS A 21 5.20 -3.90 2.77
C CYS A 21 6.08 -5.09 3.18
N ASP A 22 6.93 -5.49 2.25
CA ASP A 22 7.80 -6.68 2.38
C ASP A 22 9.04 -6.36 3.21
N GLY A 23 8.93 -5.35 4.04
CA GLY A 23 10.02 -4.97 4.90
C GLY A 23 9.89 -5.66 6.25
N GLY A 24 8.68 -6.17 6.56
CA GLY A 24 8.50 -6.89 7.81
C GLY A 24 7.13 -6.78 8.49
N CYS A 25 6.23 -5.90 8.03
CA CYS A 25 4.91 -5.82 8.72
C CYS A 25 3.94 -6.79 8.08
N ASP A 26 4.19 -7.09 6.78
CA ASP A 26 3.31 -7.96 5.96
C ASP A 26 1.90 -7.39 5.81
N GLU A 27 1.77 -6.11 6.04
CA GLU A 27 0.49 -5.48 5.97
C GLU A 27 0.23 -4.93 4.58
N TRP A 28 -1.02 -4.75 4.26
CA TRP A 28 -1.44 -4.28 2.95
C TRP A 28 -1.91 -2.85 3.02
N PHE A 29 -1.42 -2.06 2.08
CA PHE A 29 -1.69 -0.65 2.00
C PHE A 29 -2.36 -0.34 0.63
N HIS A 30 -3.03 0.77 0.56
CA HIS A 30 -3.64 1.24 -0.72
C HIS A 30 -2.66 2.15 -1.40
N GLN A 31 -2.46 1.98 -2.70
CA GLN A 31 -1.57 2.90 -3.45
C GLN A 31 -2.02 4.36 -3.33
N VAL A 32 -3.29 4.59 -3.24
CA VAL A 32 -3.79 5.96 -3.07
C VAL A 32 -3.62 6.46 -1.62
N CYS A 33 -3.89 5.60 -0.67
CA CYS A 33 -3.90 6.00 0.74
C CYS A 33 -2.48 6.15 1.29
N VAL A 34 -1.52 5.41 0.74
CA VAL A 34 -0.19 5.51 1.21
C VAL A 34 0.69 6.26 0.17
N GLY A 35 0.05 6.71 -0.90
CA GLY A 35 0.77 7.37 -2.02
C GLY A 35 1.85 6.52 -2.74
N VAL A 36 1.43 5.55 -3.52
CA VAL A 36 2.28 4.71 -4.35
C VAL A 36 1.84 4.87 -5.81
N SER A 37 2.77 4.75 -6.74
CA SER A 37 2.44 4.83 -8.12
C SER A 37 2.37 3.42 -8.65
N PRO A 38 1.54 3.17 -9.69
CA PRO A 38 1.34 1.82 -10.25
C PRO A 38 2.66 1.13 -10.56
N GLU A 39 3.59 1.87 -11.13
CA GLU A 39 4.86 1.36 -11.49
C GLU A 39 5.64 0.81 -10.29
N MET A 40 5.50 1.44 -9.12
CA MET A 40 6.28 1.02 -7.97
C MET A 40 5.81 -0.34 -7.48
N ALA A 41 4.49 -0.51 -7.43
CA ALA A 41 3.88 -1.76 -6.99
C ALA A 41 4.33 -2.97 -7.84
N GLU A 42 4.28 -2.81 -9.14
CA GLU A 42 4.60 -3.89 -10.07
C GLU A 42 6.11 -4.11 -10.25
N ASN A 43 6.94 -3.19 -9.79
CA ASN A 43 8.35 -3.30 -10.07
C ASN A 43 9.31 -3.35 -8.86
N GLU A 44 9.09 -2.53 -7.85
CA GLU A 44 10.11 -2.39 -6.82
C GLU A 44 9.57 -2.62 -5.41
N ASP A 45 10.49 -2.68 -4.44
CA ASP A 45 10.17 -3.03 -3.05
C ASP A 45 9.35 -1.95 -2.35
N TYR A 46 8.14 -2.28 -1.99
CA TYR A 46 7.36 -1.36 -1.20
C TYR A 46 7.70 -1.47 0.30
N ILE A 47 8.41 -0.49 0.77
CA ILE A 47 8.74 -0.35 2.17
C ILE A 47 7.74 0.65 2.76
N CYS A 48 7.32 0.48 3.99
CA CYS A 48 6.34 1.40 4.53
C CYS A 48 7.03 2.34 5.50
N ILE A 49 6.26 3.26 6.05
CA ILE A 49 6.71 4.22 7.04
C ILE A 49 7.34 3.53 8.27
N ASN A 50 6.72 2.43 8.72
CA ASN A 50 7.20 1.67 9.88
C ASN A 50 8.43 0.83 9.53
N CYS A 51 8.42 0.22 8.33
CA CYS A 51 9.53 -0.60 7.87
C CYS A 51 10.83 0.22 7.72
N ALA A 52 10.69 1.49 7.41
CA ALA A 52 11.84 2.33 7.15
C ALA A 52 12.48 2.85 8.45
N SER A 1 -11.57 -4.50 7.21
CA SER A 1 -12.51 -3.36 7.00
C SER A 1 -11.72 -2.09 6.61
N VAL A 2 -10.55 -1.95 7.19
CA VAL A 2 -9.64 -0.84 6.94
C VAL A 2 -8.26 -1.43 6.69
N CYS A 3 -7.52 -0.88 5.73
CA CYS A 3 -6.18 -1.43 5.43
C CYS A 3 -5.16 -0.75 6.35
N ALA A 4 -3.89 -1.04 6.14
CA ALA A 4 -2.86 -0.38 6.86
C ALA A 4 -2.39 0.80 6.02
N ALA A 5 -2.51 1.99 6.57
CA ALA A 5 -1.97 3.21 6.00
C ALA A 5 -2.17 4.29 6.99
N GLN A 6 -1.19 5.18 7.13
CA GLN A 6 -1.29 6.35 8.03
C GLN A 6 -2.61 7.09 7.76
N ASN A 7 -2.93 7.24 6.49
CA ASN A 7 -4.18 7.85 6.06
C ASN A 7 -4.89 6.94 5.08
N CYS A 8 -5.94 6.28 5.49
CA CYS A 8 -6.62 5.44 4.54
C CYS A 8 -7.93 6.04 4.08
N GLN A 9 -8.03 6.15 2.78
CA GLN A 9 -9.23 6.68 2.10
C GLN A 9 -10.30 5.58 1.97
N ARG A 10 -9.93 4.36 2.36
CA ARG A 10 -10.78 3.14 2.26
C ARG A 10 -11.35 2.89 0.82
N PRO A 11 -10.55 3.11 -0.29
CA PRO A 11 -11.07 2.98 -1.64
C PRO A 11 -11.25 1.52 -2.05
N CYS A 12 -12.38 1.22 -2.63
CA CYS A 12 -12.70 -0.10 -3.09
C CYS A 12 -13.13 -0.04 -4.56
N LYS A 13 -12.47 -0.82 -5.39
CA LYS A 13 -12.78 -0.90 -6.81
C LYS A 13 -12.46 -2.29 -7.30
N ASP A 14 -12.98 -2.63 -8.48
CA ASP A 14 -12.66 -3.92 -9.14
C ASP A 14 -11.29 -3.82 -9.76
N LYS A 15 -10.81 -2.61 -9.88
CA LYS A 15 -9.55 -2.34 -10.51
C LYS A 15 -8.74 -1.42 -9.61
N VAL A 16 -7.92 -2.01 -8.74
CA VAL A 16 -7.05 -1.27 -7.82
C VAL A 16 -6.08 -2.20 -7.08
N ASP A 17 -4.88 -2.17 -7.53
CA ASP A 17 -3.79 -2.94 -6.95
C ASP A 17 -3.41 -2.44 -5.54
N TRP A 18 -3.13 -3.37 -4.67
CA TRP A 18 -2.71 -3.11 -3.30
C TRP A 18 -1.24 -3.42 -3.15
N VAL A 19 -0.60 -2.88 -2.15
CA VAL A 19 0.81 -3.14 -1.94
C VAL A 19 1.07 -3.63 -0.51
N GLN A 20 1.84 -4.65 -0.38
CA GLN A 20 2.20 -5.20 0.89
C GLN A 20 3.59 -4.72 1.25
N CYS A 21 3.81 -4.37 2.49
CA CYS A 21 5.14 -3.97 2.87
C CYS A 21 5.92 -5.19 3.38
N ASP A 22 6.73 -5.73 2.52
CA ASP A 22 7.48 -6.96 2.80
C ASP A 22 8.76 -6.64 3.54
N GLY A 23 8.78 -5.47 4.18
CA GLY A 23 9.93 -5.05 4.91
C GLY A 23 9.84 -5.40 6.38
N GLY A 24 8.70 -6.00 6.81
CA GLY A 24 8.59 -6.38 8.21
C GLY A 24 7.16 -6.38 8.80
N CYS A 25 6.22 -5.61 8.22
CA CYS A 25 4.86 -5.61 8.82
C CYS A 25 3.97 -6.60 8.10
N ASP A 26 4.24 -6.80 6.79
CA ASP A 26 3.44 -7.67 5.91
C ASP A 26 1.99 -7.21 5.79
N GLU A 27 1.77 -5.96 6.12
CA GLU A 27 0.44 -5.38 6.05
C GLU A 27 0.15 -4.86 4.64
N TRP A 28 -1.13 -4.71 4.32
CA TRP A 28 -1.58 -4.30 2.99
C TRP A 28 -2.04 -2.85 2.96
N PHE A 29 -1.48 -2.11 2.03
CA PHE A 29 -1.74 -0.70 1.88
C PHE A 29 -2.37 -0.46 0.50
N HIS A 30 -3.10 0.62 0.36
CA HIS A 30 -3.64 1.04 -0.94
C HIS A 30 -2.68 1.99 -1.56
N GLN A 31 -2.47 1.86 -2.85
CA GLN A 31 -1.56 2.75 -3.56
C GLN A 31 -1.93 4.22 -3.38
N VAL A 32 -3.16 4.55 -3.54
CA VAL A 32 -3.55 5.95 -3.42
C VAL A 32 -3.50 6.43 -1.94
N CYS A 33 -3.91 5.55 -1.04
CA CYS A 33 -4.01 5.91 0.36
C CYS A 33 -2.63 6.07 1.01
N VAL A 34 -1.66 5.32 0.56
CA VAL A 34 -0.35 5.43 1.13
C VAL A 34 0.61 6.20 0.18
N GLY A 35 0.04 6.72 -0.91
CA GLY A 35 0.84 7.40 -1.93
C GLY A 35 1.89 6.52 -2.65
N VAL A 36 1.42 5.64 -3.51
CA VAL A 36 2.22 4.81 -4.37
C VAL A 36 1.69 4.99 -5.78
N SER A 37 2.54 4.93 -6.77
CA SER A 37 2.10 5.01 -8.12
C SER A 37 2.04 3.58 -8.69
N PRO A 38 1.15 3.31 -9.66
CA PRO A 38 0.96 1.96 -10.26
C PRO A 38 2.27 1.36 -10.78
N GLU A 39 3.19 2.23 -11.11
CA GLU A 39 4.47 1.87 -11.68
C GLU A 39 5.38 1.25 -10.59
N MET A 40 5.24 1.75 -9.36
CA MET A 40 6.08 1.31 -8.25
C MET A 40 5.67 -0.07 -7.77
N ALA A 41 4.38 -0.32 -7.75
CA ALA A 41 3.81 -1.58 -7.25
C ALA A 41 4.38 -2.82 -7.94
N GLU A 42 4.51 -2.77 -9.25
CA GLU A 42 5.12 -3.89 -9.95
C GLU A 42 6.66 -3.79 -10.03
N ASN A 43 7.20 -2.64 -10.37
CA ASN A 43 8.64 -2.49 -10.60
C ASN A 43 9.53 -2.48 -9.35
N GLU A 44 9.07 -1.88 -8.24
CA GLU A 44 9.96 -1.69 -7.11
C GLU A 44 9.41 -2.22 -5.79
N ASP A 45 10.31 -2.37 -4.81
CA ASP A 45 10.00 -2.97 -3.51
C ASP A 45 9.38 -1.93 -2.55
N TYR A 46 8.13 -2.15 -2.16
CA TYR A 46 7.43 -1.25 -1.25
C TYR A 46 7.81 -1.42 0.25
N ILE A 47 8.47 -0.41 0.74
CA ILE A 47 8.78 -0.28 2.14
C ILE A 47 7.79 0.75 2.71
N CYS A 48 7.35 0.60 3.97
CA CYS A 48 6.34 1.51 4.48
C CYS A 48 6.95 2.42 5.54
N ILE A 49 6.11 3.30 6.08
CA ILE A 49 6.47 4.23 7.15
C ILE A 49 7.06 3.51 8.40
N ASN A 50 6.49 2.36 8.76
CA ASN A 50 6.94 1.59 9.93
C ASN A 50 8.14 0.70 9.61
N CYS A 51 8.24 0.27 8.35
CA CYS A 51 9.37 -0.56 7.92
C CYS A 51 10.64 0.26 7.79
N ALA A 52 10.49 1.52 7.51
CA ALA A 52 11.64 2.37 7.29
C ALA A 52 12.28 2.82 8.61
N SER A 1 -12.08 -3.94 7.74
CA SER A 1 -12.65 -3.13 6.63
C SER A 1 -11.71 -1.95 6.28
N VAL A 2 -10.67 -1.78 7.07
CA VAL A 2 -9.72 -0.70 6.89
C VAL A 2 -8.32 -1.30 6.75
N CYS A 3 -7.52 -0.74 5.84
CA CYS A 3 -6.19 -1.25 5.56
C CYS A 3 -5.16 -0.60 6.52
N ALA A 4 -3.89 -0.86 6.29
CA ALA A 4 -2.84 -0.18 7.02
C ALA A 4 -2.40 1.03 6.18
N ALA A 5 -2.57 2.23 6.73
CA ALA A 5 -2.05 3.48 6.16
C ALA A 5 -2.38 4.59 7.13
N GLN A 6 -1.41 5.48 7.38
CA GLN A 6 -1.62 6.64 8.28
C GLN A 6 -2.88 7.42 7.87
N ASN A 7 -3.04 7.61 6.59
CA ASN A 7 -4.22 8.24 6.05
C ASN A 7 -4.89 7.34 5.07
N CYS A 8 -5.96 6.70 5.47
CA CYS A 8 -6.63 5.87 4.54
C CYS A 8 -7.94 6.48 4.10
N GLN A 9 -8.04 6.65 2.79
CA GLN A 9 -9.21 7.21 2.12
C GLN A 9 -10.28 6.11 1.99
N ARG A 10 -9.84 4.91 2.32
CA ARG A 10 -10.57 3.64 2.20
C ARG A 10 -11.27 3.49 0.83
N PRO A 11 -10.47 3.48 -0.26
CA PRO A 11 -10.99 3.33 -1.63
C PRO A 11 -11.40 1.89 -1.94
N CYS A 12 -12.58 1.73 -2.51
CA CYS A 12 -13.08 0.44 -2.87
C CYS A 12 -13.43 0.39 -4.36
N LYS A 13 -12.55 -0.23 -5.11
CA LYS A 13 -12.73 -0.46 -6.54
C LYS A 13 -12.19 -1.84 -6.83
N ASP A 14 -12.58 -2.43 -7.91
CA ASP A 14 -12.10 -3.78 -8.21
C ASP A 14 -10.73 -3.76 -8.85
N LYS A 15 -10.56 -2.95 -9.88
CA LYS A 15 -9.28 -2.87 -10.62
C LYS A 15 -8.14 -2.12 -9.85
N VAL A 16 -8.25 -1.98 -8.56
CA VAL A 16 -7.19 -1.26 -7.82
C VAL A 16 -6.26 -2.24 -7.07
N ASP A 17 -5.04 -2.31 -7.54
CA ASP A 17 -4.00 -3.15 -6.93
C ASP A 17 -3.52 -2.58 -5.58
N TRP A 18 -3.15 -3.49 -4.68
CA TRP A 18 -2.75 -3.16 -3.31
C TRP A 18 -1.28 -3.49 -3.11
N VAL A 19 -0.66 -2.89 -2.11
CA VAL A 19 0.75 -3.10 -1.88
C VAL A 19 0.99 -3.59 -0.45
N GLN A 20 1.84 -4.55 -0.32
CA GLN A 20 2.21 -5.10 0.97
C GLN A 20 3.64 -4.70 1.32
N CYS A 21 3.89 -4.33 2.57
CA CYS A 21 5.25 -4.02 2.96
C CYS A 21 5.91 -5.26 3.53
N ASP A 22 6.74 -5.90 2.72
CA ASP A 22 7.41 -7.16 3.10
C ASP A 22 8.69 -6.85 3.85
N GLY A 23 8.73 -5.70 4.47
CA GLY A 23 9.89 -5.27 5.20
C GLY A 23 9.74 -5.52 6.69
N GLY A 24 8.60 -6.11 7.12
CA GLY A 24 8.43 -6.36 8.52
C GLY A 24 6.97 -6.38 9.03
N CYS A 25 6.10 -5.54 8.46
CA CYS A 25 4.71 -5.49 8.99
C CYS A 25 3.85 -6.51 8.26
N ASP A 26 4.18 -6.72 6.96
CA ASP A 26 3.46 -7.62 6.03
C ASP A 26 2.01 -7.19 5.87
N GLU A 27 1.74 -5.94 6.15
CA GLU A 27 0.39 -5.43 6.06
C GLU A 27 0.08 -4.90 4.66
N TRP A 28 -1.22 -4.72 4.38
CA TRP A 28 -1.69 -4.29 3.06
C TRP A 28 -2.13 -2.84 3.05
N PHE A 29 -1.58 -2.10 2.12
CA PHE A 29 -1.84 -0.69 1.96
C PHE A 29 -2.50 -0.46 0.60
N HIS A 30 -3.25 0.62 0.47
CA HIS A 30 -3.84 1.00 -0.82
C HIS A 30 -2.87 1.94 -1.50
N GLN A 31 -2.67 1.78 -2.80
CA GLN A 31 -1.74 2.66 -3.52
C GLN A 31 -2.05 4.15 -3.32
N VAL A 32 -3.27 4.59 -3.53
CA VAL A 32 -3.60 6.02 -3.39
C VAL A 32 -3.51 6.50 -1.91
N CYS A 33 -3.92 5.64 -0.99
CA CYS A 33 -3.98 6.01 0.40
C CYS A 33 -2.59 6.12 1.00
N VAL A 34 -1.64 5.36 0.45
CA VAL A 34 -0.30 5.44 0.93
C VAL A 34 0.64 6.14 -0.13
N GLY A 35 0.01 6.76 -1.12
CA GLY A 35 0.75 7.52 -2.18
C GLY A 35 1.70 6.71 -3.11
N VAL A 36 1.32 5.49 -3.45
CA VAL A 36 2.09 4.66 -4.38
C VAL A 36 1.55 4.83 -5.80
N SER A 37 2.42 4.74 -6.77
CA SER A 37 2.03 4.78 -8.14
C SER A 37 2.11 3.33 -8.67
N PRO A 38 1.28 2.97 -9.69
CA PRO A 38 1.22 1.59 -10.25
C PRO A 38 2.60 1.01 -10.55
N GLU A 39 3.48 1.87 -11.09
CA GLU A 39 4.86 1.54 -11.41
C GLU A 39 5.63 1.03 -10.19
N MET A 40 5.40 1.62 -9.04
CA MET A 40 6.17 1.24 -7.89
C MET A 40 5.77 -0.14 -7.39
N ALA A 41 4.47 -0.40 -7.43
CA ALA A 41 3.92 -1.69 -7.02
C ALA A 41 4.50 -2.88 -7.81
N GLU A 42 4.51 -2.76 -9.12
CA GLU A 42 5.01 -3.87 -9.95
C GLU A 42 6.50 -3.82 -10.23
N ASN A 43 7.10 -2.64 -10.18
CA ASN A 43 8.47 -2.54 -10.61
C ASN A 43 9.47 -2.57 -9.46
N GLU A 44 9.07 -2.11 -8.28
CA GLU A 44 10.02 -2.05 -7.19
C GLU A 44 9.47 -2.49 -5.85
N ASP A 45 10.33 -2.42 -4.88
CA ASP A 45 10.10 -2.88 -3.51
C ASP A 45 9.38 -1.83 -2.65
N TYR A 46 8.20 -2.18 -2.16
CA TYR A 46 7.46 -1.31 -1.25
C TYR A 46 7.82 -1.53 0.24
N ILE A 47 8.47 -0.54 0.77
CA ILE A 47 8.77 -0.45 2.17
C ILE A 47 7.87 0.66 2.76
N CYS A 48 7.34 0.47 3.96
CA CYS A 48 6.40 1.45 4.49
C CYS A 48 7.14 2.41 5.43
N ILE A 49 6.43 3.40 5.93
CA ILE A 49 6.93 4.38 6.87
C ILE A 49 7.57 3.73 8.12
N ASN A 50 6.99 2.62 8.58
CA ASN A 50 7.48 1.94 9.79
C ASN A 50 8.67 1.05 9.44
N CYS A 51 8.62 0.46 8.25
CA CYS A 51 9.69 -0.40 7.78
C CYS A 51 10.94 0.41 7.36
N ALA A 52 10.73 1.65 6.99
CA ALA A 52 11.82 2.52 6.55
C ALA A 52 12.62 3.10 7.72
N SER A 1 -12.89 -3.89 4.70
CA SER A 1 -11.84 -3.98 5.76
C SER A 1 -10.91 -2.73 5.71
N VAL A 2 -10.32 -2.39 6.86
CA VAL A 2 -9.47 -1.23 6.96
C VAL A 2 -8.02 -1.70 6.87
N CYS A 3 -7.27 -1.10 5.98
CA CYS A 3 -5.91 -1.55 5.78
C CYS A 3 -4.95 -0.72 6.63
N ALA A 4 -3.68 -0.95 6.46
CA ALA A 4 -2.66 -0.26 7.21
C ALA A 4 -2.24 1.00 6.45
N ALA A 5 -2.41 2.16 7.06
CA ALA A 5 -1.89 3.42 6.55
C ALA A 5 -2.15 4.52 7.54
N GLN A 6 -1.23 5.49 7.58
CA GLN A 6 -1.38 6.72 8.38
C GLN A 6 -2.79 7.36 8.14
N ASN A 7 -3.20 7.34 6.89
CA ASN A 7 -4.55 7.77 6.50
C ASN A 7 -5.10 6.82 5.47
N CYS A 8 -5.91 5.87 5.91
CA CYS A 8 -6.46 4.91 5.00
C CYS A 8 -7.83 5.35 4.50
N GLN A 9 -7.90 5.55 3.19
CA GLN A 9 -9.10 5.92 2.51
C GLN A 9 -9.85 4.64 2.20
N ARG A 10 -11.12 4.75 1.87
CA ARG A 10 -11.91 3.57 1.52
C ARG A 10 -12.41 3.57 0.06
N PRO A 11 -11.55 3.10 -0.86
CA PRO A 11 -11.91 2.88 -2.27
C PRO A 11 -12.85 1.69 -2.42
N CYS A 12 -13.59 1.66 -3.51
CA CYS A 12 -14.55 0.60 -3.77
C CYS A 12 -14.46 0.12 -5.23
N LYS A 13 -13.29 0.25 -5.83
CA LYS A 13 -13.12 -0.12 -7.24
C LYS A 13 -12.61 -1.54 -7.39
N ASP A 14 -13.05 -2.20 -8.45
CA ASP A 14 -12.54 -3.52 -8.79
C ASP A 14 -11.10 -3.37 -9.22
N LYS A 15 -10.88 -2.50 -10.19
CA LYS A 15 -9.55 -2.15 -10.67
C LYS A 15 -8.83 -1.22 -9.68
N VAL A 16 -8.09 -1.81 -8.76
CA VAL A 16 -7.23 -1.08 -7.82
C VAL A 16 -6.34 -2.05 -7.04
N ASP A 17 -5.15 -2.16 -7.51
CA ASP A 17 -4.10 -3.03 -6.93
C ASP A 17 -3.64 -2.58 -5.54
N TRP A 18 -3.37 -3.56 -4.70
CA TRP A 18 -2.96 -3.37 -3.30
C TRP A 18 -1.48 -3.75 -3.12
N VAL A 19 -0.84 -3.29 -2.06
CA VAL A 19 0.58 -3.56 -1.84
C VAL A 19 0.85 -4.08 -0.41
N GLN A 20 1.79 -4.99 -0.30
CA GLN A 20 2.21 -5.54 0.99
C GLN A 20 3.65 -5.10 1.25
N CYS A 21 3.94 -4.73 2.49
CA CYS A 21 5.27 -4.26 2.84
C CYS A 21 6.25 -5.40 2.99
N ASP A 22 7.06 -5.59 1.96
CA ASP A 22 8.04 -6.68 1.95
C ASP A 22 9.32 -6.19 2.58
N GLY A 23 9.23 -5.01 3.19
CA GLY A 23 10.33 -4.45 3.87
C GLY A 23 10.36 -4.90 5.30
N GLY A 24 9.36 -5.69 5.68
CA GLY A 24 9.34 -6.25 7.01
C GLY A 24 7.98 -6.37 7.62
N CYS A 25 7.03 -5.56 7.21
CA CYS A 25 5.75 -5.67 7.87
C CYS A 25 4.66 -6.15 6.92
N ASP A 26 4.53 -7.46 6.87
CA ASP A 26 3.44 -8.25 6.12
C ASP A 26 1.97 -7.68 6.14
N GLU A 27 1.77 -6.44 6.53
CA GLU A 27 0.47 -5.82 6.51
C GLU A 27 0.17 -5.29 5.09
N TRP A 28 -1.09 -5.05 4.80
CA TRP A 28 -1.52 -4.62 3.47
C TRP A 28 -1.89 -3.15 3.45
N PHE A 29 -1.34 -2.44 2.48
CA PHE A 29 -1.55 -1.02 2.31
C PHE A 29 -2.21 -0.74 0.92
N HIS A 30 -2.99 0.33 0.81
CA HIS A 30 -3.56 0.79 -0.49
C HIS A 30 -2.58 1.69 -1.15
N GLN A 31 -2.45 1.60 -2.48
CA GLN A 31 -1.57 2.51 -3.20
C GLN A 31 -1.94 3.97 -2.95
N VAL A 32 -3.18 4.34 -3.15
CA VAL A 32 -3.59 5.74 -2.99
C VAL A 32 -3.50 6.21 -1.50
N CYS A 33 -3.90 5.34 -0.59
CA CYS A 33 -3.98 5.72 0.80
C CYS A 33 -2.58 5.89 1.42
N VAL A 34 -1.59 5.18 0.87
CA VAL A 34 -0.23 5.29 1.34
C VAL A 34 0.69 6.02 0.29
N GLY A 35 0.07 6.58 -0.76
CA GLY A 35 0.79 7.33 -1.82
C GLY A 35 1.78 6.54 -2.72
N VAL A 36 1.42 5.34 -3.11
CA VAL A 36 2.20 4.53 -4.03
C VAL A 36 1.73 4.79 -5.44
N SER A 37 2.62 4.69 -6.42
CA SER A 37 2.23 4.84 -7.78
C SER A 37 2.11 3.45 -8.39
N PRO A 38 1.23 3.26 -9.40
CA PRO A 38 0.98 1.93 -10.01
C PRO A 38 2.27 1.24 -10.45
N GLU A 39 3.22 2.02 -10.90
CA GLU A 39 4.45 1.53 -11.39
C GLU A 39 5.35 1.02 -10.27
N MET A 40 5.21 1.57 -9.06
CA MET A 40 6.08 1.16 -7.97
C MET A 40 5.69 -0.22 -7.51
N ALA A 41 4.38 -0.46 -7.53
CA ALA A 41 3.79 -1.75 -7.14
C ALA A 41 4.30 -2.91 -8.02
N GLU A 42 4.58 -2.62 -9.28
CA GLU A 42 5.05 -3.65 -10.21
C GLU A 42 6.58 -3.70 -10.32
N ASN A 43 7.25 -2.61 -9.96
CA ASN A 43 8.69 -2.52 -10.21
C ASN A 43 9.57 -2.51 -8.97
N GLU A 44 9.11 -1.92 -7.89
CA GLU A 44 10.02 -1.78 -6.75
C GLU A 44 9.48 -2.39 -5.49
N ASP A 45 10.37 -2.58 -4.54
CA ASP A 45 10.06 -3.19 -3.26
C ASP A 45 9.48 -2.13 -2.31
N TYR A 46 8.21 -2.33 -1.95
CA TYR A 46 7.50 -1.40 -1.07
C TYR A 46 7.97 -1.46 0.38
N ILE A 47 8.63 -0.41 0.77
CA ILE A 47 8.98 -0.17 2.14
C ILE A 47 7.92 0.81 2.64
N CYS A 48 7.52 0.74 3.89
CA CYS A 48 6.48 1.63 4.36
C CYS A 48 7.07 2.70 5.28
N ILE A 49 6.19 3.58 5.74
CA ILE A 49 6.48 4.67 6.66
C ILE A 49 7.27 4.20 7.93
N ASN A 50 6.99 2.99 8.42
CA ASN A 50 7.64 2.49 9.65
C ASN A 50 8.93 1.75 9.36
N CYS A 51 8.95 0.98 8.29
CA CYS A 51 10.13 0.18 7.97
C CYS A 51 11.23 1.04 7.34
N ALA A 52 10.83 2.16 6.74
CA ALA A 52 11.80 3.08 6.11
C ALA A 52 12.78 3.64 7.14
N SER A 1 -14.18 -1.98 5.95
CA SER A 1 -12.80 -2.39 6.31
C SER A 1 -11.81 -1.21 6.15
N VAL A 2 -10.73 -1.24 6.91
CA VAL A 2 -9.70 -0.21 6.89
C VAL A 2 -8.36 -0.91 6.72
N CYS A 3 -7.48 -0.39 5.89
CA CYS A 3 -6.21 -1.05 5.69
C CYS A 3 -5.14 -0.34 6.52
N ALA A 4 -3.89 -0.70 6.34
CA ALA A 4 -2.82 -0.07 7.06
C ALA A 4 -2.34 1.14 6.26
N ALA A 5 -2.44 2.31 6.86
CA ALA A 5 -1.89 3.56 6.31
C ALA A 5 -2.16 4.66 7.30
N GLN A 6 -1.22 5.62 7.44
CA GLN A 6 -1.41 6.81 8.30
C GLN A 6 -2.78 7.47 8.04
N ASN A 7 -3.15 7.53 6.79
CA ASN A 7 -4.47 8.01 6.41
C ASN A 7 -5.04 7.12 5.33
N CYS A 8 -5.95 6.25 5.71
CA CYS A 8 -6.54 5.37 4.76
C CYS A 8 -7.86 5.93 4.28
N GLN A 9 -7.92 6.21 2.99
CA GLN A 9 -9.09 6.77 2.33
C GLN A 9 -10.18 5.70 2.10
N ARG A 10 -9.84 4.46 2.44
CA ARG A 10 -10.74 3.27 2.29
C ARG A 10 -11.29 3.06 0.83
N PRO A 11 -10.50 3.30 -0.27
CA PRO A 11 -11.04 3.18 -1.63
C PRO A 11 -11.32 1.73 -2.02
N CYS A 12 -12.42 1.51 -2.70
CA CYS A 12 -12.82 0.21 -3.14
C CYS A 12 -13.41 0.29 -4.54
N LYS A 13 -12.76 -0.40 -5.47
CA LYS A 13 -13.20 -0.53 -6.83
C LYS A 13 -12.84 -1.90 -7.31
N ASP A 14 -13.27 -2.25 -8.50
CA ASP A 14 -12.89 -3.52 -9.09
C ASP A 14 -11.44 -3.52 -9.46
N LYS A 15 -11.08 -2.70 -10.41
CA LYS A 15 -9.72 -2.66 -10.89
C LYS A 15 -8.92 -1.67 -10.03
N VAL A 16 -8.25 -2.19 -9.02
CA VAL A 16 -7.38 -1.38 -8.15
C VAL A 16 -6.46 -2.28 -7.30
N ASP A 17 -5.23 -2.32 -7.71
CA ASP A 17 -4.16 -3.09 -7.06
C ASP A 17 -3.75 -2.51 -5.69
N TRP A 18 -3.38 -3.41 -4.79
CA TRP A 18 -2.99 -3.13 -3.41
C TRP A 18 -1.52 -3.51 -3.21
N VAL A 19 -0.87 -2.99 -2.17
CA VAL A 19 0.52 -3.28 -1.92
C VAL A 19 0.73 -3.78 -0.49
N GLN A 20 1.52 -4.79 -0.34
CA GLN A 20 1.90 -5.31 0.96
C GLN A 20 3.33 -4.86 1.25
N CYS A 21 3.61 -4.44 2.48
CA CYS A 21 4.96 -4.09 2.79
C CYS A 21 5.70 -5.34 3.24
N ASP A 22 6.56 -5.84 2.40
CA ASP A 22 7.32 -7.08 2.66
C ASP A 22 8.57 -6.81 3.49
N GLY A 23 8.61 -5.64 4.13
CA GLY A 23 9.77 -5.24 4.88
C GLY A 23 9.68 -5.60 6.34
N GLY A 24 8.57 -6.21 6.78
CA GLY A 24 8.48 -6.57 8.18
C GLY A 24 7.08 -6.59 8.77
N CYS A 25 6.17 -5.72 8.30
CA CYS A 25 4.83 -5.67 8.95
C CYS A 25 3.90 -6.71 8.33
N ASP A 26 4.15 -7.01 7.05
CA ASP A 26 3.35 -7.92 6.23
C ASP A 26 1.91 -7.44 6.07
N GLU A 27 1.69 -6.14 6.27
CA GLU A 27 0.37 -5.56 6.19
C GLU A 27 0.07 -5.00 4.78
N TRP A 28 -1.21 -4.71 4.52
CA TRP A 28 -1.68 -4.26 3.19
C TRP A 28 -2.09 -2.81 3.19
N PHE A 29 -1.57 -2.09 2.22
CA PHE A 29 -1.78 -0.67 2.07
C PHE A 29 -2.40 -0.39 0.67
N HIS A 30 -3.13 0.71 0.56
CA HIS A 30 -3.66 1.18 -0.73
C HIS A 30 -2.67 2.12 -1.33
N GLN A 31 -2.45 2.00 -2.61
CA GLN A 31 -1.50 2.86 -3.32
C GLN A 31 -1.82 4.34 -3.15
N VAL A 32 -3.07 4.72 -3.29
CA VAL A 32 -3.44 6.11 -3.13
C VAL A 32 -3.37 6.56 -1.63
N CYS A 33 -3.82 5.69 -0.74
CA CYS A 33 -3.95 6.03 0.65
C CYS A 33 -2.57 6.11 1.34
N VAL A 34 -1.60 5.29 0.90
CA VAL A 34 -0.31 5.32 1.48
C VAL A 34 0.69 6.06 0.54
N GLY A 35 0.15 6.64 -0.51
CA GLY A 35 0.96 7.33 -1.51
C GLY A 35 2.02 6.45 -2.22
N VAL A 36 1.56 5.60 -3.11
CA VAL A 36 2.38 4.78 -3.97
C VAL A 36 1.90 5.01 -5.38
N SER A 37 2.80 4.99 -6.35
CA SER A 37 2.42 5.13 -7.71
C SER A 37 2.19 3.73 -8.29
N PRO A 38 1.26 3.56 -9.24
CA PRO A 38 0.88 2.25 -9.80
C PRO A 38 2.07 1.41 -10.27
N GLU A 39 3.02 2.07 -10.87
CA GLU A 39 4.18 1.44 -11.40
C GLU A 39 5.17 1.00 -10.35
N MET A 40 5.16 1.65 -9.19
CA MET A 40 6.07 1.29 -8.12
C MET A 40 5.67 -0.07 -7.60
N ALA A 41 4.37 -0.31 -7.57
CA ALA A 41 3.78 -1.55 -7.12
C ALA A 41 4.27 -2.77 -7.94
N GLU A 42 4.40 -2.60 -9.25
CA GLU A 42 4.82 -3.71 -10.12
C GLU A 42 6.33 -3.84 -10.29
N ASN A 43 7.06 -2.79 -10.04
CA ASN A 43 8.47 -2.82 -10.34
C ASN A 43 9.37 -2.70 -9.13
N GLU A 44 8.93 -1.98 -8.13
CA GLU A 44 9.80 -1.67 -7.02
C GLU A 44 9.27 -2.26 -5.73
N ASP A 45 10.16 -2.45 -4.79
CA ASP A 45 9.83 -3.06 -3.51
C ASP A 45 9.24 -2.02 -2.56
N TYR A 46 7.99 -2.20 -2.17
CA TYR A 46 7.36 -1.24 -1.30
C TYR A 46 7.67 -1.46 0.19
N ILE A 47 8.54 -0.61 0.66
CA ILE A 47 8.86 -0.53 2.06
C ILE A 47 7.97 0.56 2.66
N CYS A 48 7.41 0.35 3.84
CA CYS A 48 6.48 1.32 4.38
C CYS A 48 7.20 2.22 5.38
N ILE A 49 6.46 3.18 5.91
CA ILE A 49 6.95 4.12 6.91
C ILE A 49 7.54 3.40 8.15
N ASN A 50 6.86 2.34 8.61
CA ASN A 50 7.30 1.58 9.81
C ASN A 50 8.49 0.67 9.47
N CYS A 51 8.50 0.17 8.24
CA CYS A 51 9.59 -0.69 7.77
C CYS A 51 10.87 0.13 7.53
N ALA A 52 10.71 1.39 7.23
CA ALA A 52 11.86 2.25 6.92
C ALA A 52 12.53 2.78 8.18
N SER A 1 -14.17 -2.04 6.76
CA SER A 1 -12.78 -2.43 7.13
C SER A 1 -11.78 -1.32 6.70
N VAL A 2 -10.65 -1.26 7.39
CA VAL A 2 -9.64 -0.25 7.13
C VAL A 2 -8.31 -0.96 6.89
N CYS A 3 -7.51 -0.49 5.94
CA CYS A 3 -6.23 -1.14 5.65
C CYS A 3 -5.11 -0.47 6.49
N ALA A 4 -3.86 -0.84 6.22
CA ALA A 4 -2.73 -0.21 6.89
C ALA A 4 -2.31 1.01 6.08
N ALA A 5 -2.38 2.19 6.69
CA ALA A 5 -1.84 3.43 6.13
C ALA A 5 -2.04 4.51 7.14
N GLN A 6 -1.10 5.46 7.21
CA GLN A 6 -1.23 6.65 8.09
C GLN A 6 -2.60 7.30 7.92
N ASN A 7 -3.02 7.41 6.69
CA ASN A 7 -4.34 7.89 6.38
C ASN A 7 -4.97 7.07 5.29
N CYS A 8 -5.90 6.25 5.67
CA CYS A 8 -6.52 5.43 4.70
C CYS A 8 -7.85 6.03 4.25
N GLN A 9 -7.89 6.35 2.97
CA GLN A 9 -9.07 6.88 2.29
C GLN A 9 -10.18 5.81 2.18
N ARG A 10 -9.82 4.57 2.53
CA ARG A 10 -10.69 3.38 2.47
C ARG A 10 -11.39 3.16 1.04
N PRO A 11 -10.65 3.33 -0.11
CA PRO A 11 -11.26 3.18 -1.44
C PRO A 11 -11.43 1.72 -1.86
N CYS A 12 -12.50 1.45 -2.58
CA CYS A 12 -12.82 0.12 -3.07
C CYS A 12 -13.20 0.19 -4.55
N LYS A 13 -12.40 -0.45 -5.39
CA LYS A 13 -12.67 -0.59 -6.81
C LYS A 13 -12.13 -1.91 -7.28
N ASP A 14 -12.71 -2.44 -8.34
CA ASP A 14 -12.26 -3.69 -8.96
C ASP A 14 -10.89 -3.50 -9.63
N LYS A 15 -10.50 -2.24 -9.78
CA LYS A 15 -9.31 -1.90 -10.51
C LYS A 15 -8.36 -1.05 -9.66
N VAL A 16 -8.07 -1.53 -8.48
CA VAL A 16 -7.12 -0.90 -7.62
C VAL A 16 -6.28 -1.93 -6.88
N ASP A 17 -5.12 -2.14 -7.39
CA ASP A 17 -4.15 -3.03 -6.79
C ASP A 17 -3.61 -2.50 -5.47
N TRP A 18 -3.36 -3.41 -4.56
CA TRP A 18 -2.91 -3.14 -3.20
C TRP A 18 -1.44 -3.50 -3.08
N VAL A 19 -0.76 -2.96 -2.08
CA VAL A 19 0.66 -3.24 -1.92
C VAL A 19 0.95 -3.75 -0.51
N GLN A 20 1.84 -4.71 -0.43
CA GLN A 20 2.24 -5.30 0.85
C GLN A 20 3.68 -4.91 1.17
N CYS A 21 3.97 -4.55 2.43
CA CYS A 21 5.33 -4.20 2.79
C CYS A 21 6.06 -5.41 3.35
N ASP A 22 6.92 -5.99 2.55
CA ASP A 22 7.65 -7.20 2.94
C ASP A 22 8.92 -6.84 3.68
N GLY A 23 8.93 -5.64 4.27
CA GLY A 23 10.07 -5.16 4.99
C GLY A 23 9.99 -5.57 6.46
N GLY A 24 8.86 -6.19 6.84
CA GLY A 24 8.72 -6.66 8.22
C GLY A 24 7.29 -6.65 8.79
N CYS A 25 6.36 -5.92 8.16
CA CYS A 25 4.99 -5.87 8.71
C CYS A 25 4.07 -6.87 7.99
N ASP A 26 4.34 -7.07 6.68
CA ASP A 26 3.52 -7.95 5.79
C ASP A 26 2.08 -7.46 5.65
N GLU A 27 1.86 -6.19 5.98
CA GLU A 27 0.53 -5.60 5.97
C GLU A 27 0.16 -5.12 4.56
N TRP A 28 -1.11 -4.79 4.37
CA TRP A 28 -1.63 -4.39 3.07
C TRP A 28 -2.10 -2.94 3.06
N PHE A 29 -1.55 -2.20 2.12
CA PHE A 29 -1.80 -0.77 1.99
C PHE A 29 -2.45 -0.49 0.62
N HIS A 30 -3.13 0.65 0.50
CA HIS A 30 -3.67 1.09 -0.79
C HIS A 30 -2.68 2.02 -1.44
N GLN A 31 -2.46 1.84 -2.73
CA GLN A 31 -1.55 2.71 -3.46
C GLN A 31 -1.92 4.20 -3.34
N VAL A 32 -3.19 4.52 -3.39
CA VAL A 32 -3.59 5.91 -3.28
C VAL A 32 -3.49 6.43 -1.81
N CYS A 33 -3.90 5.59 -0.87
CA CYS A 33 -3.97 6.00 0.53
C CYS A 33 -2.56 6.12 1.15
N VAL A 34 -1.60 5.34 0.66
CA VAL A 34 -0.28 5.42 1.18
C VAL A 34 0.66 6.17 0.18
N GLY A 35 0.08 6.69 -0.88
CA GLY A 35 0.87 7.34 -1.94
C GLY A 35 1.94 6.45 -2.63
N VAL A 36 1.48 5.54 -3.48
CA VAL A 36 2.29 4.69 -4.31
C VAL A 36 1.83 4.88 -5.73
N SER A 37 2.71 4.74 -6.69
CA SER A 37 2.32 4.83 -8.05
C SER A 37 2.21 3.40 -8.59
N PRO A 38 1.30 3.14 -9.54
CA PRO A 38 1.06 1.78 -10.08
C PRO A 38 2.34 1.14 -10.64
N GLU A 39 3.25 2.00 -11.08
CA GLU A 39 4.49 1.59 -11.62
C GLU A 39 5.45 1.09 -10.54
N MET A 40 5.30 1.61 -9.32
CA MET A 40 6.18 1.21 -8.25
C MET A 40 5.82 -0.18 -7.79
N ALA A 41 4.52 -0.44 -7.75
CA ALA A 41 3.99 -1.72 -7.27
C ALA A 41 4.53 -2.94 -8.05
N GLU A 42 4.59 -2.83 -9.36
CA GLU A 42 5.11 -3.94 -10.19
C GLU A 42 6.63 -3.90 -10.41
N ASN A 43 7.28 -2.78 -10.09
CA ASN A 43 8.71 -2.64 -10.37
C ASN A 43 9.62 -2.61 -9.16
N GLU A 44 9.21 -1.95 -8.09
CA GLU A 44 10.14 -1.70 -6.98
C GLU A 44 9.59 -2.17 -5.63
N ASP A 45 10.49 -2.24 -4.65
CA ASP A 45 10.18 -2.69 -3.30
C ASP A 45 9.41 -1.66 -2.50
N TYR A 46 8.21 -2.03 -2.10
CA TYR A 46 7.41 -1.19 -1.25
C TYR A 46 7.78 -1.35 0.24
N ILE A 47 8.48 -0.38 0.72
CA ILE A 47 8.80 -0.28 2.11
C ILE A 47 7.83 0.73 2.71
N CYS A 48 7.37 0.51 3.95
CA CYS A 48 6.39 1.40 4.52
C CYS A 48 7.07 2.33 5.51
N ILE A 49 6.30 3.24 6.06
CA ILE A 49 6.75 4.19 7.05
C ILE A 49 7.43 3.51 8.27
N ASN A 50 6.90 2.35 8.71
CA ASN A 50 7.46 1.66 9.89
C ASN A 50 8.61 0.73 9.50
N CYS A 51 8.59 0.24 8.26
CA CYS A 51 9.69 -0.60 7.78
C CYS A 51 10.95 0.24 7.53
N ALA A 52 10.77 1.51 7.28
CA ALA A 52 11.89 2.41 6.98
C ALA A 52 12.55 2.96 8.24
#